data_7ET7
#
_entry.id   7ET7
#
_cell.length_a   60.934
_cell.length_b   62.862
_cell.length_c   75.600
_cell.angle_alpha   108.031
_cell.angle_beta   103.540
_cell.angle_gamma   104.252
#
_symmetry.space_group_name_H-M   'P 1'
#
loop_
_entity.id
_entity.type
_entity.pdbx_description
1 polymer 'Nicotinamide N-methyltransferase'
2 non-polymer S-ADENOSYL-L-HOMOCYSTEINE
3 non-polymer 10-methyl-1,10-diazatricyclo[6.3.1.0^{4,12}]dodeca-4,6,8(12)-trien-11-imine
4 water water
#
_entity_poly.entity_id   1
_entity_poly.type   'polypeptide(L)'
_entity_poly.pdbx_seq_one_letter_code
;MGSSHHHHHHSSGLVPRGSHMESGFTSKDTYLSHFNPRDYLEKYYKFGSRHSAESQILKHLLKNLFKIFCLDGVKGDLLI
DIGSGPTIYQLLSACESFKEIVVTDYSDQNLQELEKWLKAAPAAFDWSPVVTYVCDLEGNRVKGPEKEEKLRQAVKQVLK
CDVTQSQPLGAVPLPPADCVLSTLCLDAACPDLPTYCRALRNLGSLLKPGGFLVIMDALKSSYYMIGEQKFSSLPLGREA
VEAAVKEAGYTIEWFEVISQSYSSTMANNEGLFSLVARKLS
;
_entity_poly.pdbx_strand_id   A,B,C,D
#
# COMPACT_ATOMS: atom_id res chain seq x y z
N PHE A 25 -41.53 -2.23 11.73
CA PHE A 25 -40.12 -1.91 11.37
C PHE A 25 -40.02 -1.60 9.88
N THR A 26 -39.30 -0.51 9.55
CA THR A 26 -39.07 -0.06 8.19
C THR A 26 -38.77 -1.26 7.29
N SER A 27 -39.57 -1.41 6.24
CA SER A 27 -39.39 -2.52 5.31
C SER A 27 -38.40 -2.11 4.21
N LYS A 28 -38.01 -3.09 3.40
CA LYS A 28 -37.11 -2.86 2.28
C LYS A 28 -37.72 -1.82 1.35
N ASP A 29 -39.01 -1.98 1.05
CA ASP A 29 -39.70 -1.16 0.07
C ASP A 29 -39.65 0.31 0.45
N THR A 30 -39.67 0.61 1.76
CA THR A 30 -39.70 1.98 2.24
C THR A 30 -38.31 2.63 2.14
N TYR A 31 -37.29 1.79 1.87
CA TYR A 31 -35.97 2.30 1.55
C TYR A 31 -35.90 2.65 0.07
N LEU A 32 -36.72 1.97 -0.76
CA LEU A 32 -36.72 2.21 -2.18
C LEU A 32 -37.53 3.47 -2.50
N SER A 33 -38.59 3.71 -1.71
CA SER A 33 -39.58 4.72 -2.04
C SER A 33 -39.37 6.02 -1.26
N HIS A 34 -38.79 5.93 -0.06
CA HIS A 34 -38.78 7.09 0.84
C HIS A 34 -37.37 7.54 1.20
N PHE A 35 -36.35 6.71 0.97
CA PHE A 35 -35.01 7.11 1.35
C PHE A 35 -34.48 8.13 0.34
N ASN A 36 -34.16 9.33 0.85
CA ASN A 36 -33.81 10.44 -0.02
C ASN A 36 -32.31 10.73 0.06
N PRO A 37 -31.54 10.42 -1.01
CA PRO A 37 -30.07 10.41 -0.94
C PRO A 37 -29.48 11.78 -0.69
N ARG A 38 -29.93 12.77 -1.46
CA ARG A 38 -29.45 14.14 -1.35
C ARG A 38 -29.86 14.72 0.00
N ASP A 39 -31.10 14.41 0.40
CA ASP A 39 -31.64 14.85 1.67
C ASP A 39 -30.72 14.38 2.81
N TYR A 40 -30.34 13.11 2.76
CA TYR A 40 -29.58 12.43 3.80
C TYR A 40 -28.17 13.01 3.87
N LEU A 41 -27.56 13.21 2.70
CA LEU A 41 -26.22 13.77 2.57
C LEU A 41 -26.14 15.16 3.20
N GLU A 42 -27.18 15.98 2.93
CA GLU A 42 -27.30 17.33 3.48
C GLU A 42 -27.43 17.28 5.01
N LYS A 43 -28.25 16.36 5.51
CA LYS A 43 -28.56 16.30 6.93
C LYS A 43 -27.38 15.83 7.77
N TYR A 44 -26.50 14.99 7.18
CA TYR A 44 -25.51 14.31 7.98
C TYR A 44 -24.08 14.57 7.51
N TYR A 45 -23.89 14.91 6.22
CA TYR A 45 -22.56 14.82 5.65
C TYR A 45 -22.05 16.15 5.10
N LYS A 46 -22.70 17.26 5.46
CA LYS A 46 -22.19 18.58 5.13
C LYS A 46 -21.25 19.05 6.24
N PHE A 47 -19.99 18.62 6.16
CA PHE A 47 -19.02 19.07 7.13
C PHE A 47 -19.17 20.57 7.32
N GLY A 48 -19.69 20.95 8.49
CA GLY A 48 -20.03 22.34 8.79
C GLY A 48 -19.11 22.90 9.88
N SER A 49 -18.81 24.20 9.75
CA SER A 49 -17.93 24.91 10.66
C SER A 49 -18.54 25.04 12.05
N ARG A 50 -19.88 25.16 12.11
CA ARG A 50 -20.60 25.10 13.37
C ARG A 50 -20.57 23.66 13.87
N HIS A 51 -19.96 23.46 15.04
CA HIS A 51 -19.64 22.15 15.60
C HIS A 51 -20.92 21.42 16.03
N SER A 52 -21.64 20.87 15.04
CA SER A 52 -22.87 20.13 15.27
C SER A 52 -22.57 18.73 15.82
N ALA A 53 -23.62 18.05 16.30
CA ALA A 53 -23.51 16.68 16.78
C ALA A 53 -23.16 15.75 15.63
N GLU A 54 -23.61 16.13 14.43
CA GLU A 54 -23.41 15.33 13.23
C GLU A 54 -21.96 15.45 12.78
N SER A 55 -21.43 16.68 12.82
CA SER A 55 -20.07 16.95 12.39
C SER A 55 -19.09 16.17 13.25
N GLN A 56 -19.25 16.29 14.58
CA GLN A 56 -18.34 15.68 15.54
C GLN A 56 -18.31 14.17 15.28
N ILE A 57 -19.49 13.59 15.01
CA ILE A 57 -19.60 12.16 14.77
C ILE A 57 -18.84 11.79 13.50
N LEU A 58 -19.08 12.53 12.41
CA LEU A 58 -18.35 12.29 11.18
C LEU A 58 -16.84 12.34 11.44
N LYS A 59 -16.38 13.38 12.15
CA LYS A 59 -14.97 13.55 12.45
C LYS A 59 -14.44 12.27 13.09
N HIS A 60 -15.26 11.65 13.96
CA HIS A 60 -14.79 10.51 14.72
C HIS A 60 -14.74 9.27 13.84
N LEU A 61 -15.78 9.09 13.02
CA LEU A 61 -15.78 8.03 12.03
C LEU A 61 -14.49 8.12 11.22
N LEU A 62 -14.21 9.33 10.71
CA LEU A 62 -13.08 9.57 9.84
C LEU A 62 -11.77 9.17 10.52
N LYS A 63 -11.65 9.47 11.82
CA LYS A 63 -10.43 9.19 12.59
C LYS A 63 -10.21 7.68 12.79
N ASN A 64 -11.30 6.92 12.98
CA ASN A 64 -11.19 5.49 13.18
C ASN A 64 -10.74 4.81 11.88
N LEU A 65 -11.48 5.04 10.79
CA LEU A 65 -11.17 4.49 9.49
C LEU A 65 -9.75 4.88 9.05
N PHE A 66 -9.25 6.02 9.56
CA PHE A 66 -7.86 6.36 9.32
C PHE A 66 -6.95 5.44 10.12
N LYS A 67 -7.21 5.35 11.43
CA LYS A 67 -6.40 4.51 12.32
C LYS A 67 -6.40 3.08 11.81
N ILE A 68 -7.56 2.61 11.33
CA ILE A 68 -7.75 1.22 10.95
C ILE A 68 -7.04 0.91 9.64
N PHE A 69 -7.13 1.84 8.67
CA PHE A 69 -6.64 1.55 7.33
C PHE A 69 -5.21 2.04 7.13
N CYS A 70 -4.78 3.06 7.89
CA CYS A 70 -3.46 3.62 7.67
C CYS A 70 -2.46 3.22 8.76
N LEU A 71 -2.78 3.56 10.01
CA LEU A 71 -1.91 3.32 11.14
C LEU A 71 -1.74 1.82 11.39
N ASP A 72 -2.86 1.08 11.30
CA ASP A 72 -2.85 -0.37 11.50
C ASP A 72 -2.49 -1.04 10.17
N GLY A 73 -2.49 -2.38 10.18
CA GLY A 73 -2.13 -3.12 8.98
C GLY A 73 -3.35 -3.78 8.32
N VAL A 74 -4.48 -3.06 8.32
CA VAL A 74 -5.67 -3.54 7.63
C VAL A 74 -5.61 -3.05 6.19
N LYS A 75 -5.24 -3.97 5.29
CA LYS A 75 -5.06 -3.72 3.88
C LYS A 75 -5.36 -5.02 3.13
N GLY A 76 -5.33 -4.98 1.80
CA GLY A 76 -5.66 -6.16 1.01
C GLY A 76 -5.94 -5.83 -0.45
N ASP A 77 -6.45 -6.83 -1.17
CA ASP A 77 -6.78 -6.68 -2.59
C ASP A 77 -8.14 -6.04 -2.74
N LEU A 78 -9.15 -6.67 -2.10
CA LEU A 78 -10.55 -6.38 -2.35
C LEU A 78 -11.25 -6.01 -1.04
N LEU A 79 -11.88 -4.83 -1.04
CA LEU A 79 -12.75 -4.41 0.03
C LEU A 79 -14.18 -4.34 -0.51
N ILE A 80 -15.14 -4.83 0.28
CA ILE A 80 -16.54 -4.71 -0.06
C ILE A 80 -17.24 -3.82 0.97
N ASP A 81 -17.84 -2.72 0.48
CA ASP A 81 -18.53 -1.73 1.30
C ASP A 81 -20.02 -2.05 1.33
N ILE A 82 -20.50 -2.47 2.51
CA ILE A 82 -21.84 -2.98 2.67
C ILE A 82 -22.77 -1.90 3.22
N GLY A 83 -23.76 -1.53 2.40
CA GLY A 83 -24.76 -0.55 2.78
C GLY A 83 -24.26 0.87 2.59
N SER A 84 -23.41 1.05 1.57
CA SER A 84 -22.72 2.30 1.27
C SER A 84 -23.64 3.50 1.44
N GLY A 85 -24.91 3.32 1.07
CA GLY A 85 -25.80 4.46 0.90
C GLY A 85 -25.26 5.34 -0.23
N PRO A 86 -25.49 6.67 -0.16
CA PRO A 86 -24.96 7.61 -1.14
C PRO A 86 -23.59 8.22 -0.85
N THR A 87 -22.84 7.62 0.09
CA THR A 87 -21.75 8.29 0.78
C THR A 87 -20.40 7.66 0.43
N ILE A 88 -19.34 8.49 0.44
CA ILE A 88 -18.00 8.05 0.04
C ILE A 88 -16.99 8.18 1.19
N TYR A 89 -17.42 8.79 2.31
CA TYR A 89 -16.51 9.18 3.37
C TYR A 89 -15.69 8.00 3.90
N GLN A 90 -16.33 6.82 3.97
CA GLN A 90 -15.78 5.64 4.64
C GLN A 90 -14.83 4.89 3.71
N LEU A 91 -14.67 5.37 2.46
CA LEU A 91 -13.80 4.70 1.51
C LEU A 91 -12.50 5.48 1.36
N LEU A 92 -12.44 6.68 1.94
CA LEU A 92 -11.36 7.61 1.67
C LEU A 92 -10.02 7.08 2.19
N SER A 93 -9.99 6.54 3.40
CA SER A 93 -8.76 5.98 3.95
C SER A 93 -8.53 4.58 3.41
N ALA A 94 -9.61 3.83 3.19
CA ALA A 94 -9.56 2.45 2.72
C ALA A 94 -8.91 2.38 1.32
N CYS A 95 -9.11 3.41 0.50
CA CYS A 95 -8.56 3.39 -0.85
C CYS A 95 -7.02 3.41 -0.84
N GLU A 96 -6.43 3.79 0.30
CA GLU A 96 -4.98 3.78 0.45
C GLU A 96 -4.48 2.35 0.65
N SER A 97 -5.37 1.44 1.04
CA SER A 97 -4.99 0.15 1.58
C SER A 97 -5.44 -1.00 0.70
N PHE A 98 -6.33 -0.73 -0.25
CA PHE A 98 -6.87 -1.79 -1.09
C PHE A 98 -6.75 -1.38 -2.57
N LYS A 99 -6.60 -2.39 -3.43
CA LYS A 99 -6.47 -2.16 -4.86
C LYS A 99 -7.87 -1.98 -5.45
N GLU A 100 -8.81 -2.82 -5.02
CA GLU A 100 -10.14 -2.94 -5.58
C GLU A 100 -11.18 -2.70 -4.48
N ILE A 101 -12.06 -1.69 -4.67
CA ILE A 101 -13.22 -1.46 -3.81
C ILE A 101 -14.49 -1.67 -4.63
N VAL A 102 -15.37 -2.54 -4.09
CA VAL A 102 -16.74 -2.68 -4.54
C VAL A 102 -17.61 -1.93 -3.54
N VAL A 103 -18.65 -1.25 -4.04
CA VAL A 103 -19.60 -0.55 -3.20
C VAL A 103 -20.98 -1.16 -3.43
N THR A 104 -21.73 -1.35 -2.33
CA THR A 104 -23.03 -1.98 -2.43
C THR A 104 -24.06 -1.23 -1.59
N ASP A 105 -25.30 -1.23 -2.07
CA ASP A 105 -26.46 -0.72 -1.33
C ASP A 105 -27.73 -1.35 -1.89
N TYR A 106 -28.74 -1.52 -1.03
CA TYR A 106 -29.98 -2.17 -1.43
C TYR A 106 -30.78 -1.28 -2.38
N SER A 107 -30.55 0.03 -2.33
CA SER A 107 -31.45 1.00 -2.92
C SER A 107 -30.83 1.60 -4.18
N ASP A 108 -31.59 1.56 -5.29
CA ASP A 108 -31.09 1.96 -6.60
C ASP A 108 -30.80 3.45 -6.62
N GLN A 109 -31.67 4.25 -5.98
CA GLN A 109 -31.47 5.69 -5.95
C GLN A 109 -30.12 6.01 -5.32
N ASN A 110 -29.71 5.17 -4.35
CA ASN A 110 -28.50 5.43 -3.56
C ASN A 110 -27.26 5.23 -4.42
N LEU A 111 -27.23 4.09 -5.12
CA LEU A 111 -26.11 3.78 -6.00
C LEU A 111 -25.97 4.86 -7.07
N GLN A 112 -27.10 5.50 -7.40
CA GLN A 112 -27.14 6.51 -8.44
C GLN A 112 -26.53 7.83 -7.96
N GLU A 113 -26.56 8.06 -6.65
CA GLU A 113 -25.95 9.27 -6.11
C GLU A 113 -24.44 9.08 -6.01
N LEU A 114 -24.02 7.85 -5.68
CA LEU A 114 -22.62 7.51 -5.62
C LEU A 114 -22.00 7.75 -6.99
N GLU A 115 -22.60 7.12 -8.02
CA GLU A 115 -22.06 7.09 -9.37
C GLU A 115 -21.87 8.49 -9.92
N LYS A 116 -22.80 9.39 -9.59
CA LYS A 116 -22.67 10.81 -9.88
C LYS A 116 -21.26 11.25 -9.47
N TRP A 117 -20.88 10.94 -8.23
CA TRP A 117 -19.61 11.39 -7.68
C TRP A 117 -18.47 10.62 -8.32
N LEU A 118 -18.67 9.31 -8.48
CA LEU A 118 -17.72 8.45 -9.18
C LEU A 118 -17.39 9.03 -10.55
N LYS A 119 -18.40 9.57 -11.25
CA LYS A 119 -18.24 10.14 -12.58
C LYS A 119 -17.75 11.58 -12.50
N ALA A 120 -17.58 12.08 -11.26
CA ALA A 120 -17.24 13.47 -11.02
C ALA A 120 -18.22 14.38 -11.77
N ALA A 121 -19.52 14.03 -11.70
CA ALA A 121 -20.58 14.90 -12.17
C ALA A 121 -20.53 16.20 -11.36
N PRO A 122 -20.65 17.38 -12.01
CA PRO A 122 -20.76 18.63 -11.25
C PRO A 122 -22.06 18.69 -10.43
N ALA A 123 -22.92 17.68 -10.57
CA ALA A 123 -24.18 17.62 -9.82
C ALA A 123 -24.01 16.75 -8.58
N ALA A 124 -22.84 16.12 -8.47
CA ALA A 124 -22.47 15.26 -7.36
C ALA A 124 -22.30 16.09 -6.10
N PHE A 125 -22.83 15.56 -4.98
CA PHE A 125 -22.71 16.19 -3.67
C PHE A 125 -21.26 16.60 -3.47
N ASP A 126 -21.06 17.73 -2.79
CA ASP A 126 -19.72 18.27 -2.61
C ASP A 126 -19.08 17.68 -1.36
N TRP A 127 -17.98 16.94 -1.55
CA TRP A 127 -17.33 16.16 -0.51
C TRP A 127 -16.00 16.77 -0.08
N SER A 128 -15.55 17.83 -0.76
CA SER A 128 -14.20 18.36 -0.57
C SER A 128 -13.92 18.65 0.90
N PRO A 129 -14.85 19.23 1.69
CA PRO A 129 -14.58 19.48 3.11
C PRO A 129 -14.17 18.23 3.88
N VAL A 130 -14.80 17.09 3.55
CA VAL A 130 -14.48 15.78 4.08
C VAL A 130 -13.14 15.30 3.52
N VAL A 131 -12.96 15.45 2.20
CA VAL A 131 -11.73 15.03 1.55
C VAL A 131 -10.57 15.84 2.14
N THR A 132 -10.81 17.13 2.38
CA THR A 132 -9.83 17.98 3.04
C THR A 132 -9.42 17.36 4.37
N TYR A 133 -10.42 16.93 5.18
CA TYR A 133 -10.15 16.47 6.53
C TYR A 133 -9.23 15.25 6.50
N VAL A 134 -9.53 14.31 5.60
CA VAL A 134 -8.84 13.03 5.55
C VAL A 134 -7.39 13.27 5.14
N CYS A 135 -7.20 13.98 4.03
CA CYS A 135 -5.87 14.38 3.56
C CYS A 135 -5.04 14.94 4.73
N ASP A 136 -5.70 15.68 5.63
CA ASP A 136 -5.03 16.22 6.81
C ASP A 136 -4.56 15.09 7.71
N LEU A 137 -5.46 14.15 8.01
CA LEU A 137 -5.15 13.06 8.95
C LEU A 137 -3.91 12.32 8.48
N GLU A 138 -3.84 12.05 7.17
CA GLU A 138 -2.75 11.32 6.57
C GLU A 138 -1.55 12.23 6.36
N GLY A 139 -1.54 13.36 7.09
CA GLY A 139 -0.44 14.31 7.05
C GLY A 139 -0.21 14.87 5.65
N ASN A 140 -1.28 15.46 5.09
CA ASN A 140 -1.25 16.38 3.96
C ASN A 140 -0.40 15.85 2.80
N ARG A 141 -0.15 14.52 2.80
CA ARG A 141 0.74 13.93 1.83
C ARG A 141 0.21 14.15 0.41
N VAL A 142 -1.13 14.18 0.26
CA VAL A 142 -1.76 14.44 -1.02
C VAL A 142 -2.71 15.63 -0.90
N LYS A 143 -3.35 15.98 -2.02
CA LYS A 143 -4.33 17.06 -2.07
C LYS A 143 -5.69 16.50 -2.48
N GLY A 144 -6.74 17.28 -2.20
CA GLY A 144 -8.11 16.87 -2.47
C GLY A 144 -8.22 16.13 -3.79
N PRO A 145 -7.90 16.79 -4.93
CA PRO A 145 -7.94 16.16 -6.26
C PRO A 145 -7.26 14.81 -6.41
N GLU A 146 -6.10 14.62 -5.76
CA GLU A 146 -5.36 13.39 -5.94
C GLU A 146 -5.82 12.32 -4.96
N LYS A 147 -6.47 12.76 -3.87
CA LYS A 147 -7.15 11.81 -3.00
C LYS A 147 -8.38 11.26 -3.72
N GLU A 148 -9.11 12.15 -4.42
CA GLU A 148 -10.38 11.81 -5.04
C GLU A 148 -10.16 10.82 -6.18
N GLU A 149 -9.12 11.09 -6.98
CA GLU A 149 -8.82 10.29 -8.15
C GLU A 149 -8.46 8.87 -7.72
N LYS A 150 -7.77 8.78 -6.58
CA LYS A 150 -7.36 7.49 -6.05
C LYS A 150 -8.61 6.65 -5.75
N LEU A 151 -9.60 7.27 -5.09
CA LEU A 151 -10.81 6.55 -4.76
C LEU A 151 -11.53 6.17 -6.06
N ARG A 152 -11.65 7.13 -6.96
CA ARG A 152 -12.36 6.87 -8.20
C ARG A 152 -11.77 5.63 -8.87
N GLN A 153 -10.44 5.61 -9.01
CA GLN A 153 -9.75 4.50 -9.67
C GLN A 153 -9.94 3.22 -8.86
N ALA A 154 -10.14 3.36 -7.56
CA ALA A 154 -10.17 2.20 -6.69
C ALA A 154 -11.51 1.48 -6.78
N VAL A 155 -12.58 2.20 -7.11
CA VAL A 155 -13.90 1.59 -7.11
C VAL A 155 -14.17 0.99 -8.47
N LYS A 156 -14.32 -0.34 -8.48
CA LYS A 156 -14.38 -1.12 -9.70
C LYS A 156 -15.83 -1.45 -10.03
N GLN A 157 -16.65 -1.62 -8.99
CA GLN A 157 -17.99 -2.19 -9.13
C GLN A 157 -18.94 -1.51 -8.15
N VAL A 158 -20.16 -1.26 -8.61
CA VAL A 158 -21.23 -0.69 -7.81
C VAL A 158 -22.43 -1.64 -7.94
N LEU A 159 -22.82 -2.30 -6.84
CA LEU A 159 -23.72 -3.44 -6.95
C LEU A 159 -24.89 -3.33 -5.98
N LYS A 160 -26.02 -3.89 -6.40
CA LYS A 160 -27.19 -4.13 -5.56
C LYS A 160 -26.80 -5.07 -4.42
N CYS A 161 -27.37 -4.85 -3.24
CA CYS A 161 -26.98 -5.56 -2.04
C CYS A 161 -28.22 -5.88 -1.21
N ASP A 162 -28.20 -7.01 -0.50
CA ASP A 162 -29.21 -7.28 0.51
C ASP A 162 -28.62 -8.13 1.64
N VAL A 163 -28.45 -7.52 2.82
CA VAL A 163 -27.75 -8.20 3.91
C VAL A 163 -28.62 -9.29 4.53
N THR A 164 -29.89 -9.37 4.10
CA THR A 164 -30.77 -10.38 4.66
C THR A 164 -30.70 -11.68 3.86
N GLN A 165 -30.25 -11.58 2.60
CA GLN A 165 -30.09 -12.72 1.72
C GLN A 165 -28.79 -13.46 2.03
N SER A 166 -28.82 -14.79 1.95
CA SER A 166 -27.65 -15.60 2.24
C SER A 166 -26.56 -15.41 1.20
N GLN A 167 -26.95 -14.93 0.01
CA GLN A 167 -26.00 -14.39 -0.95
C GLN A 167 -26.35 -12.92 -1.17
N PRO A 168 -25.77 -12.00 -0.38
CA PRO A 168 -26.21 -10.61 -0.37
C PRO A 168 -26.08 -9.92 -1.72
N LEU A 169 -25.10 -10.36 -2.53
CA LEU A 169 -24.84 -9.72 -3.80
C LEU A 169 -25.52 -10.52 -4.93
N GLY A 170 -26.26 -11.57 -4.55
CA GLY A 170 -27.03 -12.39 -5.47
C GLY A 170 -26.15 -13.30 -6.31
N ALA A 171 -26.11 -13.02 -7.62
CA ALA A 171 -25.37 -13.83 -8.57
C ALA A 171 -23.91 -13.38 -8.69
N VAL A 172 -23.68 -12.07 -8.70
CA VAL A 172 -22.45 -11.47 -9.20
C VAL A 172 -21.23 -12.23 -8.68
N PRO A 173 -20.38 -12.75 -9.59
CA PRO A 173 -19.15 -13.44 -9.21
C PRO A 173 -18.17 -12.44 -8.60
N LEU A 174 -17.73 -12.73 -7.38
CA LEU A 174 -16.63 -12.01 -6.78
C LEU A 174 -15.63 -13.00 -6.20
N PRO A 175 -14.31 -12.72 -6.28
CA PRO A 175 -13.31 -13.48 -5.52
C PRO A 175 -13.62 -13.27 -4.04
N PRO A 176 -13.11 -14.13 -3.11
CA PRO A 176 -13.21 -13.83 -1.69
C PRO A 176 -12.51 -12.52 -1.37
N ALA A 177 -13.18 -11.66 -0.60
CA ALA A 177 -12.67 -10.36 -0.24
C ALA A 177 -11.79 -10.48 1.00
N ASP A 178 -10.88 -9.51 1.15
CA ASP A 178 -9.95 -9.44 2.27
C ASP A 178 -10.63 -8.77 3.45
N CYS A 179 -11.64 -7.94 3.12
CA CYS A 179 -12.31 -7.09 4.09
C CYS A 179 -13.73 -6.78 3.63
N VAL A 180 -14.67 -6.94 4.57
CA VAL A 180 -16.02 -6.42 4.41
C VAL A 180 -16.17 -5.23 5.37
N LEU A 181 -16.74 -4.14 4.85
CA LEU A 181 -16.88 -2.91 5.60
C LEU A 181 -18.34 -2.47 5.60
N SER A 182 -18.82 -1.98 6.75
CA SER A 182 -20.21 -1.61 6.90
C SER A 182 -20.31 -0.46 7.88
N THR A 183 -20.86 0.65 7.41
CA THR A 183 -21.02 1.81 8.27
C THR A 183 -22.51 2.14 8.34
N LEU A 184 -23.09 1.97 9.54
CA LEU A 184 -24.43 2.43 9.82
C LEU A 184 -25.39 1.86 8.76
N CYS A 185 -25.29 0.55 8.56
CA CYS A 185 -26.23 -0.12 7.67
C CYS A 185 -26.98 -1.22 8.43
N LEU A 186 -26.23 -1.99 9.24
CA LEU A 186 -26.73 -3.21 9.83
C LEU A 186 -27.82 -2.91 10.87
N ASP A 187 -27.70 -1.78 11.59
CA ASP A 187 -28.73 -1.29 12.49
C ASP A 187 -30.00 -0.96 11.72
N ALA A 188 -29.82 -0.36 10.52
CA ALA A 188 -30.91 0.18 9.72
C ALA A 188 -31.73 -0.94 9.09
N ALA A 189 -31.07 -2.06 8.81
CA ALA A 189 -31.60 -3.06 7.90
C ALA A 189 -32.08 -4.30 8.63
N CYS A 190 -31.74 -4.44 9.92
CA CYS A 190 -32.01 -5.67 10.62
C CYS A 190 -33.09 -5.47 11.67
N PRO A 191 -34.29 -6.06 11.48
CA PRO A 191 -35.40 -5.98 12.44
C PRO A 191 -35.17 -6.51 13.85
N ASP A 192 -34.32 -7.54 13.99
CA ASP A 192 -34.05 -8.17 15.27
C ASP A 192 -32.61 -8.70 15.33
N LEU A 193 -32.25 -9.31 16.47
CA LEU A 193 -30.96 -9.97 16.67
C LEU A 193 -30.86 -11.21 15.78
N PRO A 194 -31.82 -12.17 15.82
CA PRO A 194 -31.77 -13.29 14.89
C PRO A 194 -31.28 -12.82 13.51
N THR A 195 -31.94 -11.80 12.95
CA THR A 195 -31.68 -11.30 11.60
C THR A 195 -30.32 -10.61 11.52
N TYR A 196 -29.95 -9.89 12.60
CA TYR A 196 -28.70 -9.17 12.68
C TYR A 196 -27.55 -10.17 12.65
N CYS A 197 -27.74 -11.31 13.32
CA CYS A 197 -26.71 -12.34 13.35
C CYS A 197 -26.62 -13.03 11.99
N ARG A 198 -27.77 -13.16 11.30
CA ARG A 198 -27.85 -13.73 9.97
C ARG A 198 -27.07 -12.88 8.97
N ALA A 199 -27.17 -11.55 9.12
CA ALA A 199 -26.57 -10.61 8.18
C ALA A 199 -25.05 -10.72 8.22
N LEU A 200 -24.51 -10.73 9.45
CA LEU A 200 -23.07 -10.85 9.66
C LEU A 200 -22.57 -12.13 9.00
N ARG A 201 -23.32 -13.22 9.21
CA ARG A 201 -23.00 -14.54 8.70
C ARG A 201 -23.00 -14.51 7.16
N ASN A 202 -23.88 -13.70 6.57
CA ASN A 202 -24.01 -13.52 5.13
C ASN A 202 -22.81 -12.75 4.58
N LEU A 203 -22.30 -11.78 5.36
CA LEU A 203 -21.19 -10.97 4.91
C LEU A 203 -19.95 -11.85 4.90
N GLY A 204 -19.90 -12.77 5.87
CA GLY A 204 -18.76 -13.66 6.07
C GLY A 204 -18.53 -14.59 4.88
N SER A 205 -19.56 -14.82 4.07
CA SER A 205 -19.42 -15.71 2.93
C SER A 205 -18.71 -15.01 1.77
N LEU A 206 -18.53 -13.68 1.89
CA LEU A 206 -17.81 -12.90 0.90
C LEU A 206 -16.35 -12.76 1.33
N LEU A 207 -16.06 -13.18 2.58
CA LEU A 207 -14.77 -12.96 3.21
C LEU A 207 -13.94 -14.24 3.23
N LYS A 208 -12.63 -14.09 2.99
CA LYS A 208 -11.63 -15.14 3.21
C LYS A 208 -11.66 -15.56 4.67
N PRO A 209 -11.17 -16.79 5.00
CA PRO A 209 -10.83 -17.12 6.39
C PRO A 209 -9.68 -16.20 6.82
N GLY A 210 -9.86 -15.56 7.98
CA GLY A 210 -8.89 -14.58 8.47
C GLY A 210 -9.15 -13.20 7.88
N GLY A 211 -10.32 -13.03 7.24
CA GLY A 211 -10.73 -11.78 6.60
C GLY A 211 -11.30 -10.78 7.60
N PHE A 212 -11.23 -9.49 7.22
CA PHE A 212 -11.52 -8.38 8.11
C PHE A 212 -12.96 -7.91 8.00
N LEU A 213 -13.64 -7.85 9.15
CA LEU A 213 -14.95 -7.24 9.27
C LEU A 213 -14.81 -5.94 10.05
N VAL A 214 -15.09 -4.81 9.39
CA VAL A 214 -15.06 -3.50 10.01
C VAL A 214 -16.49 -2.96 10.02
N ILE A 215 -17.05 -2.82 11.23
CA ILE A 215 -18.39 -2.29 11.41
C ILE A 215 -18.32 -1.07 12.32
N MET A 216 -19.12 -0.06 11.98
CA MET A 216 -19.29 1.12 12.80
C MET A 216 -20.78 1.46 12.81
N ASP A 217 -21.40 1.51 14.00
CA ASP A 217 -22.83 1.74 14.07
C ASP A 217 -23.24 2.43 15.37
N ALA A 218 -24.52 2.82 15.42
CA ALA A 218 -25.12 3.44 16.60
C ALA A 218 -25.29 2.41 17.71
N LEU A 219 -25.21 2.88 18.97
CA LEU A 219 -25.52 2.08 20.14
C LEU A 219 -26.84 2.57 20.71
N LYS A 220 -27.76 1.61 20.90
CA LYS A 220 -29.03 1.79 21.60
C LYS A 220 -29.86 2.88 20.92
N SER A 221 -30.37 2.56 19.73
CA SER A 221 -31.07 3.48 18.85
C SER A 221 -32.29 2.77 18.24
N SER A 222 -33.39 3.51 18.02
CA SER A 222 -34.62 2.91 17.53
C SER A 222 -35.12 3.60 16.27
N TYR A 223 -34.55 4.77 15.96
CA TYR A 223 -34.95 5.54 14.79
C TYR A 223 -33.85 6.54 14.46
N TYR A 224 -33.88 7.05 13.22
CA TYR A 224 -33.05 8.18 12.80
C TYR A 224 -33.81 8.89 11.68
N MET A 225 -33.64 10.21 11.60
CA MET A 225 -34.45 11.05 10.73
C MET A 225 -33.64 11.55 9.53
N ILE A 226 -34.22 11.40 8.33
CA ILE A 226 -33.83 12.11 7.13
C ILE A 226 -34.97 13.07 6.80
N GLY A 227 -34.80 14.34 7.19
CA GLY A 227 -35.85 15.34 7.02
C GLY A 227 -37.04 15.03 7.93
N GLU A 228 -38.22 14.86 7.31
CA GLU A 228 -39.44 14.54 8.03
C GLU A 228 -39.57 13.03 8.19
N GLN A 229 -38.73 12.29 7.43
CA GLN A 229 -38.87 10.86 7.29
C GLN A 229 -38.10 10.12 8.38
N LYS A 230 -38.81 9.18 9.02
CA LYS A 230 -38.35 8.41 10.16
C LYS A 230 -38.02 6.99 9.69
N PHE A 231 -36.79 6.54 9.98
CA PHE A 231 -36.39 5.19 9.65
C PHE A 231 -36.02 4.47 10.94
N SER A 232 -36.40 3.20 11.02
CA SER A 232 -36.15 2.38 12.19
C SER A 232 -34.65 2.19 12.41
N SER A 233 -34.32 1.72 13.61
CA SER A 233 -32.97 1.37 14.03
C SER A 233 -33.10 0.30 15.10
N LEU A 234 -32.26 -0.73 15.03
CA LEU A 234 -32.28 -1.81 16.01
C LEU A 234 -31.54 -1.36 17.26
N PRO A 235 -32.22 -1.26 18.43
CA PRO A 235 -31.57 -0.79 19.65
C PRO A 235 -30.84 -1.98 20.26
N LEU A 236 -29.52 -2.01 20.06
CA LEU A 236 -28.73 -3.02 20.73
C LEU A 236 -27.50 -2.38 21.36
N GLY A 237 -27.09 -2.95 22.51
CA GLY A 237 -25.96 -2.45 23.28
C GLY A 237 -24.69 -3.21 22.94
N ARG A 238 -23.63 -2.91 23.71
CA ARG A 238 -22.28 -3.39 23.45
C ARG A 238 -22.24 -4.91 23.46
N GLU A 239 -22.93 -5.51 24.43
CA GLU A 239 -22.87 -6.94 24.69
C GLU A 239 -23.51 -7.68 23.51
N ALA A 240 -24.72 -7.27 23.13
CA ALA A 240 -25.48 -8.00 22.13
C ALA A 240 -24.72 -8.03 20.80
N VAL A 241 -24.03 -6.92 20.47
CA VAL A 241 -23.28 -6.80 19.22
C VAL A 241 -22.14 -7.80 19.23
N GLU A 242 -21.36 -7.81 20.32
CA GLU A 242 -20.18 -8.63 20.46
C GLU A 242 -20.56 -10.11 20.39
N ALA A 243 -21.73 -10.43 20.98
CA ALA A 243 -22.26 -11.79 20.99
C ALA A 243 -22.59 -12.23 19.58
N ALA A 244 -23.39 -11.39 18.89
CA ALA A 244 -23.80 -11.62 17.52
C ALA A 244 -22.59 -11.89 16.62
N VAL A 245 -21.49 -11.16 16.85
CA VAL A 245 -20.29 -11.26 16.03
C VAL A 245 -19.59 -12.61 16.23
N LYS A 246 -19.54 -13.08 17.49
CA LYS A 246 -18.92 -14.36 17.80
C LYS A 246 -19.73 -15.50 17.19
N GLU A 247 -21.06 -15.40 17.27
CA GLU A 247 -21.98 -16.40 16.74
C GLU A 247 -21.84 -16.57 15.24
N ALA A 248 -21.46 -15.49 14.54
CA ALA A 248 -21.45 -15.47 13.09
C ALA A 248 -20.16 -16.07 12.56
N GLY A 249 -19.20 -16.31 13.46
CA GLY A 249 -17.96 -17.00 13.12
C GLY A 249 -16.79 -16.03 12.99
N TYR A 250 -16.69 -15.09 13.93
CA TYR A 250 -15.62 -14.10 13.94
C TYR A 250 -15.04 -13.99 15.34
N THR A 251 -13.76 -13.61 15.38
CA THR A 251 -13.10 -13.20 16.61
C THR A 251 -12.80 -11.70 16.51
N ILE A 252 -12.98 -10.97 17.63
CA ILE A 252 -12.88 -9.52 17.65
C ILE A 252 -11.44 -9.10 17.95
N GLU A 253 -10.81 -8.38 17.00
CA GLU A 253 -9.50 -7.79 17.20
C GLU A 253 -9.63 -6.64 18.20
N TRP A 254 -10.65 -5.79 18.02
CA TRP A 254 -10.88 -4.69 18.94
C TRP A 254 -12.26 -4.06 18.76
N PHE A 255 -12.73 -3.41 19.84
CA PHE A 255 -14.10 -2.96 20.00
C PHE A 255 -14.10 -1.67 20.80
N GLU A 256 -14.72 -0.63 20.26
CA GLU A 256 -14.67 0.71 20.83
C GLU A 256 -16.09 1.24 21.00
N VAL A 257 -16.27 2.10 22.00
CA VAL A 257 -17.59 2.62 22.35
C VAL A 257 -17.39 4.08 22.74
N ILE A 258 -18.06 5.00 22.04
CA ILE A 258 -17.95 6.40 22.39
C ILE A 258 -19.32 6.99 22.72
N SER A 259 -19.32 7.92 23.68
CA SER A 259 -20.51 8.54 24.27
C SER A 259 -21.28 9.38 23.26
N GLN A 260 -20.53 10.07 22.37
CA GLN A 260 -21.04 11.08 21.47
C GLN A 260 -22.30 10.57 20.75
N SER A 261 -23.33 11.43 20.68
CA SER A 261 -24.66 11.15 20.13
C SER A 261 -25.00 12.10 18.99
N TYR A 262 -26.05 11.74 18.23
CA TYR A 262 -26.64 12.63 17.23
C TYR A 262 -27.57 13.62 17.92
N SER A 263 -27.86 14.75 17.24
CA SER A 263 -28.81 15.73 17.70
C SER A 263 -30.14 15.04 18.00
N SER A 264 -30.79 15.44 19.10
CA SER A 264 -32.02 14.83 19.58
C SER A 264 -33.14 14.97 18.55
N THR A 265 -32.98 15.93 17.62
CA THR A 265 -33.94 16.12 16.55
C THR A 265 -33.80 15.03 15.49
N MET A 266 -32.76 14.18 15.60
CA MET A 266 -32.37 13.34 14.48
C MET A 266 -32.30 11.85 14.81
N ALA A 267 -31.85 11.50 16.02
CA ALA A 267 -31.81 10.11 16.45
C ALA A 267 -31.64 10.04 17.96
N ASN A 268 -31.88 8.84 18.52
CA ASN A 268 -31.92 8.66 19.97
C ASN A 268 -30.89 7.61 20.38
N ASN A 269 -29.72 7.65 19.74
CA ASN A 269 -28.66 6.72 20.11
C ASN A 269 -28.00 7.20 21.39
N GLU A 270 -27.25 6.31 22.03
CA GLU A 270 -26.51 6.66 23.22
C GLU A 270 -25.05 6.90 22.86
N GLY A 271 -24.62 6.28 21.75
CA GLY A 271 -23.25 6.38 21.30
C GLY A 271 -23.02 5.60 20.00
N LEU A 272 -21.74 5.36 19.72
CA LEU A 272 -21.32 4.58 18.56
C LEU A 272 -20.25 3.60 18.99
N PHE A 273 -20.25 2.42 18.35
CA PHE A 273 -19.21 1.42 18.48
C PHE A 273 -18.52 1.26 17.14
N SER A 274 -17.20 1.03 17.18
CA SER A 274 -16.41 0.62 16.03
C SER A 274 -15.80 -0.73 16.36
N LEU A 275 -15.71 -1.63 15.37
CA LEU A 275 -14.96 -2.85 15.64
C LEU A 275 -14.24 -3.35 14.39
N VAL A 276 -13.13 -4.06 14.63
CA VAL A 276 -12.49 -4.89 13.63
C VAL A 276 -12.56 -6.33 14.12
N ALA A 277 -13.13 -7.21 13.29
CA ALA A 277 -13.18 -8.63 13.58
C ALA A 277 -12.42 -9.40 12.50
N ARG A 278 -12.17 -10.69 12.79
CA ARG A 278 -11.57 -11.60 11.84
C ARG A 278 -12.45 -12.84 11.74
N LYS A 279 -12.59 -13.38 10.52
CA LYS A 279 -13.36 -14.59 10.29
C LYS A 279 -12.50 -15.82 10.54
N LEU A 280 -13.13 -16.90 11.00
CA LEU A 280 -12.45 -18.10 11.45
C LEU A 280 -11.91 -18.90 10.25
N PHE B 25 -1.46 -9.87 47.80
CA PHE B 25 -1.06 -9.10 46.60
C PHE B 25 0.46 -9.02 46.56
N THR B 26 1.02 -7.91 46.09
CA THR B 26 2.41 -7.60 46.41
C THR B 26 2.47 -6.33 47.26
N SER B 27 3.30 -6.37 48.30
CA SER B 27 3.49 -5.23 49.17
C SER B 27 3.97 -4.04 48.35
N LYS B 28 3.77 -2.84 48.89
CA LYS B 28 4.34 -1.62 48.33
C LYS B 28 5.87 -1.70 48.40
N ASP B 29 6.37 -2.30 49.49
CA ASP B 29 7.80 -2.39 49.77
C ASP B 29 8.48 -3.31 48.75
N THR B 30 7.69 -4.14 48.08
CA THR B 30 8.19 -5.04 47.05
C THR B 30 8.55 -4.26 45.79
N TYR B 31 7.91 -3.09 45.61
CA TYR B 31 8.20 -2.19 44.51
C TYR B 31 9.44 -1.34 44.80
N LEU B 32 9.95 -1.45 46.03
CA LEU B 32 11.11 -0.69 46.49
C LEU B 32 12.31 -1.62 46.61
N SER B 33 12.04 -2.87 46.97
CA SER B 33 13.04 -3.93 47.05
C SER B 33 13.35 -4.48 45.67
N HIS B 34 12.29 -4.84 44.94
CA HIS B 34 12.39 -5.87 43.92
C HIS B 34 12.13 -5.33 42.50
N PHE B 35 11.52 -4.15 42.38
CA PHE B 35 11.20 -3.67 41.06
C PHE B 35 12.44 -3.07 40.39
N ASN B 36 12.97 -3.80 39.42
CA ASN B 36 14.20 -3.41 38.73
C ASN B 36 13.86 -2.63 37.45
N PRO B 37 14.13 -1.30 37.42
CA PRO B 37 13.67 -0.44 36.34
C PRO B 37 14.35 -0.69 34.99
N ARG B 38 15.67 -0.94 35.03
CA ARG B 38 16.44 -1.15 33.81
C ARG B 38 16.03 -2.49 33.18
N ASP B 39 15.74 -3.48 34.02
CA ASP B 39 15.28 -4.78 33.55
C ASP B 39 13.90 -4.64 32.92
N TYR B 40 13.01 -3.91 33.60
CA TYR B 40 11.67 -3.62 33.13
C TYR B 40 11.72 -3.09 31.71
N LEU B 41 12.59 -2.10 31.48
CA LEU B 41 12.75 -1.47 30.17
C LEU B 41 13.17 -2.50 29.12
N GLU B 42 14.16 -3.34 29.46
CA GLU B 42 14.68 -4.34 28.54
C GLU B 42 13.58 -5.33 28.15
N LYS B 43 12.69 -5.65 29.10
CA LYS B 43 11.77 -6.76 28.92
C LYS B 43 10.54 -6.34 28.12
N TYR B 44 10.20 -5.05 28.16
CA TYR B 44 8.93 -4.60 27.61
C TYR B 44 9.08 -3.43 26.64
N TYR B 45 10.22 -2.71 26.67
CA TYR B 45 10.24 -1.40 26.01
C TYR B 45 11.45 -1.20 25.11
N LYS B 46 12.11 -2.27 24.68
CA LYS B 46 13.11 -2.10 23.62
C LYS B 46 12.57 -2.64 22.32
N PHE B 47 12.18 -1.73 21.43
CA PHE B 47 11.52 -2.03 20.17
C PHE B 47 12.41 -2.99 19.39
N GLY B 48 11.84 -4.13 19.00
CA GLY B 48 12.59 -5.17 18.32
C GLY B 48 12.19 -5.27 16.85
N SER B 49 13.17 -5.64 16.01
CA SER B 49 12.93 -5.95 14.61
C SER B 49 11.95 -7.11 14.48
N ARG B 50 11.97 -7.99 15.49
CA ARG B 50 11.09 -9.15 15.54
C ARG B 50 9.78 -8.74 16.21
N HIS B 51 8.69 -9.31 15.70
CA HIS B 51 7.34 -8.88 16.03
C HIS B 51 6.92 -9.53 17.35
N SER B 52 7.59 -9.10 18.42
CA SER B 52 7.29 -9.46 19.79
C SER B 52 5.86 -9.08 20.15
N ALA B 53 5.22 -9.88 21.00
CA ALA B 53 3.92 -9.57 21.57
C ALA B 53 3.98 -8.23 22.31
N GLU B 54 5.13 -7.98 22.95
CA GLU B 54 5.37 -6.81 23.79
C GLU B 54 5.47 -5.55 22.93
N SER B 55 6.02 -5.69 21.73
CA SER B 55 6.22 -4.56 20.83
C SER B 55 4.92 -4.21 20.13
N GLN B 56 4.11 -5.23 19.82
CA GLN B 56 2.79 -5.00 19.27
C GLN B 56 2.01 -4.12 20.24
N ILE B 57 2.03 -4.50 21.52
CA ILE B 57 1.28 -3.76 22.53
C ILE B 57 1.80 -2.33 22.61
N LEU B 58 3.12 -2.18 22.69
CA LEU B 58 3.73 -0.85 22.69
C LEU B 58 3.25 -0.06 21.47
N LYS B 59 3.29 -0.69 20.28
CA LYS B 59 2.83 -0.04 19.05
C LYS B 59 1.41 0.47 19.27
N HIS B 60 0.58 -0.33 19.94
CA HIS B 60 -0.83 -0.02 20.11
C HIS B 60 -1.03 1.06 21.16
N LEU B 61 -0.26 0.97 22.25
CA LEU B 61 -0.31 2.00 23.28
C LEU B 61 0.05 3.35 22.66
N LEU B 62 1.14 3.38 21.86
CA LEU B 62 1.67 4.58 21.23
C LEU B 62 0.60 5.26 20.36
N LYS B 63 -0.12 4.46 19.57
CA LYS B 63 -1.07 4.98 18.60
C LYS B 63 -2.29 5.58 19.27
N ASN B 64 -2.82 4.92 20.30
CA ASN B 64 -3.94 5.47 21.04
C ASN B 64 -3.51 6.81 21.66
N LEU B 65 -2.32 6.82 22.27
CA LEU B 65 -1.74 8.01 22.88
C LEU B 65 -1.59 9.11 21.83
N PHE B 66 -1.41 8.71 20.57
CA PHE B 66 -1.35 9.66 19.48
C PHE B 66 -2.75 10.17 19.17
N LYS B 67 -3.69 9.24 18.96
CA LYS B 67 -5.07 9.57 18.62
C LYS B 67 -5.66 10.47 19.71
N ILE B 68 -5.34 10.20 20.98
CA ILE B 68 -5.89 10.96 22.09
C ILE B 68 -5.29 12.36 22.12
N PHE B 69 -3.98 12.48 21.84
CA PHE B 69 -3.30 13.74 22.12
C PHE B 69 -3.21 14.64 20.89
N CYS B 70 -3.07 14.06 19.69
CA CYS B 70 -2.90 14.86 18.49
C CYS B 70 -4.20 14.95 17.70
N LEU B 71 -4.88 13.81 17.53
CA LEU B 71 -6.09 13.73 16.72
C LEU B 71 -7.28 14.29 17.49
N ASP B 72 -7.53 13.75 18.70
CA ASP B 72 -8.64 14.20 19.53
C ASP B 72 -8.30 15.58 20.09
N GLY B 73 -9.16 16.09 20.98
CA GLY B 73 -8.98 17.46 21.46
C GLY B 73 -8.23 17.56 22.79
N VAL B 74 -7.66 16.45 23.27
CA VAL B 74 -7.18 16.38 24.64
C VAL B 74 -5.83 17.10 24.76
N LYS B 75 -5.89 18.37 25.22
CA LYS B 75 -4.72 19.20 25.43
C LYS B 75 -4.96 20.06 26.67
N GLY B 76 -3.92 20.75 27.14
CA GLY B 76 -4.11 21.61 28.30
C GLY B 76 -2.80 22.17 28.86
N ASP B 77 -2.90 22.77 30.05
CA ASP B 77 -1.78 23.43 30.69
C ASP B 77 -0.86 22.36 31.30
N LEU B 78 -1.44 21.57 32.21
CA LEU B 78 -0.72 20.71 33.12
C LEU B 78 -1.29 19.29 33.02
N LEU B 79 -0.39 18.32 32.76
CA LEU B 79 -0.72 16.90 32.74
C LEU B 79 0.06 16.21 33.85
N ILE B 80 -0.65 15.43 34.67
CA ILE B 80 0.02 14.62 35.68
C ILE B 80 0.04 13.18 35.17
N ASP B 81 1.24 12.59 35.16
CA ASP B 81 1.48 11.19 34.81
C ASP B 81 1.64 10.37 36.10
N ILE B 82 0.76 9.37 36.26
CA ILE B 82 0.63 8.62 37.50
C ILE B 82 1.12 7.20 37.27
N GLY B 83 2.17 6.83 38.02
CA GLY B 83 2.75 5.50 37.93
C GLY B 83 3.59 5.35 36.67
N SER B 84 4.37 6.40 36.38
CA SER B 84 5.21 6.47 35.18
C SER B 84 6.21 5.33 35.16
N GLY B 85 6.71 4.98 36.34
CA GLY B 85 7.84 4.09 36.45
C GLY B 85 9.07 4.68 35.76
N PRO B 86 9.86 3.86 35.05
CA PRO B 86 11.08 4.32 34.39
C PRO B 86 10.87 4.81 32.96
N THR B 87 9.64 4.63 32.45
CA THR B 87 9.31 4.79 31.04
C THR B 87 8.91 6.23 30.75
N ILE B 88 9.10 6.65 29.48
CA ILE B 88 8.86 8.02 29.07
C ILE B 88 7.92 8.04 27.87
N TYR B 89 7.47 6.87 27.40
CA TYR B 89 6.84 6.75 26.09
C TYR B 89 5.44 7.34 26.08
N GLN B 90 4.78 7.37 27.25
CA GLN B 90 3.39 7.81 27.35
C GLN B 90 3.31 9.33 27.26
N LEU B 91 4.49 9.98 27.25
CA LEU B 91 4.55 11.43 27.29
C LEU B 91 4.96 11.98 25.93
N LEU B 92 5.24 11.08 24.98
CA LEU B 92 5.76 11.52 23.69
C LEU B 92 4.69 12.24 22.87
N SER B 93 3.45 11.74 22.88
CA SER B 93 2.40 12.42 22.16
C SER B 93 1.78 13.53 23.01
N ALA B 94 1.98 13.44 24.33
CA ALA B 94 1.29 14.29 25.29
C ALA B 94 1.95 15.66 25.42
N CYS B 95 3.27 15.72 25.24
CA CYS B 95 4.01 16.96 25.44
C CYS B 95 3.79 17.92 24.26
N GLU B 96 3.12 17.42 23.21
CA GLU B 96 2.68 18.27 22.11
C GLU B 96 1.48 19.11 22.56
N SER B 97 0.74 18.60 23.54
CA SER B 97 -0.59 19.10 23.90
C SER B 97 -0.60 19.81 25.24
N PHE B 98 0.47 19.66 26.03
CA PHE B 98 0.53 20.19 27.38
C PHE B 98 1.84 20.96 27.60
N LYS B 99 1.73 22.17 28.17
CA LYS B 99 2.88 23.02 28.45
C LYS B 99 3.81 22.33 29.44
N GLU B 100 3.21 21.66 30.44
CA GLU B 100 3.96 21.11 31.56
C GLU B 100 3.42 19.73 31.90
N ILE B 101 4.35 18.81 32.22
CA ILE B 101 4.06 17.46 32.64
C ILE B 101 4.75 17.22 33.97
N VAL B 102 3.99 16.72 34.95
CA VAL B 102 4.57 16.20 36.19
C VAL B 102 4.56 14.68 36.11
N VAL B 103 5.72 14.06 36.37
CA VAL B 103 5.84 12.61 36.35
C VAL B 103 5.97 12.11 37.79
N THR B 104 5.33 10.97 38.08
CA THR B 104 5.25 10.46 39.44
C THR B 104 5.28 8.93 39.45
N ASP B 105 6.05 8.37 40.38
CA ASP B 105 6.02 6.95 40.67
C ASP B 105 6.37 6.74 42.14
N TYR B 106 5.89 5.63 42.71
CA TYR B 106 6.13 5.30 44.10
C TYR B 106 7.58 4.89 44.34
N SER B 107 8.21 4.17 43.39
CA SER B 107 9.58 3.72 43.53
C SER B 107 10.53 4.86 43.17
N ASP B 108 11.51 5.12 44.04
CA ASP B 108 12.50 6.15 43.80
C ASP B 108 13.48 5.68 42.75
N GLN B 109 13.70 4.36 42.75
CA GLN B 109 14.58 3.71 41.79
C GLN B 109 14.05 3.99 40.39
N ASN B 110 12.71 3.95 40.26
CA ASN B 110 12.03 4.20 39.00
C ASN B 110 12.22 5.65 38.58
N LEU B 111 12.13 6.56 39.56
CA LEU B 111 12.27 7.99 39.36
C LEU B 111 13.73 8.34 39.00
N GLN B 112 14.67 7.51 39.43
CA GLN B 112 16.08 7.67 39.11
C GLN B 112 16.33 7.40 37.62
N GLU B 113 15.62 6.42 37.06
CA GLU B 113 15.74 6.05 35.66
C GLU B 113 15.22 7.18 34.76
N LEU B 114 14.04 7.71 35.10
CA LEU B 114 13.44 8.80 34.37
C LEU B 114 14.46 9.93 34.22
N GLU B 115 15.04 10.33 35.35
CA GLU B 115 15.86 11.52 35.49
C GLU B 115 17.19 11.36 34.76
N LYS B 116 17.71 10.13 34.72
CA LYS B 116 18.83 9.80 33.85
C LYS B 116 18.50 10.30 32.44
N TRP B 117 17.34 9.88 31.94
CA TRP B 117 16.94 10.22 30.58
C TRP B 117 16.58 11.70 30.47
N LEU B 118 16.01 12.25 31.54
CA LEU B 118 15.65 13.65 31.52
C LEU B 118 16.92 14.50 31.37
N LYS B 119 17.94 14.18 32.18
CA LYS B 119 19.19 14.91 32.17
C LYS B 119 19.95 14.62 30.87
N ALA B 120 19.36 13.76 30.02
CA ALA B 120 20.02 13.25 28.83
C ALA B 120 21.38 12.67 29.21
N ALA B 121 21.36 11.69 30.12
CA ALA B 121 22.57 10.97 30.50
C ALA B 121 22.93 9.96 29.41
N PRO B 122 24.23 9.70 29.14
CA PRO B 122 24.60 8.63 28.23
C PRO B 122 24.32 7.25 28.84
N ALA B 123 23.94 7.23 30.13
CA ALA B 123 23.67 5.99 30.84
C ALA B 123 22.18 5.64 30.79
N ALA B 124 21.40 6.58 30.25
CA ALA B 124 19.95 6.50 30.14
C ALA B 124 19.55 5.43 29.12
N PHE B 125 18.49 4.67 29.44
CA PHE B 125 17.89 3.74 28.48
C PHE B 125 17.73 4.45 27.15
N ASP B 126 17.87 3.69 26.05
CA ASP B 126 17.76 4.25 24.72
C ASP B 126 16.33 4.08 24.20
N TRP B 127 15.70 5.22 23.86
CA TRP B 127 14.31 5.29 23.42
C TRP B 127 14.21 5.70 21.95
N SER B 128 15.31 5.65 21.21
CA SER B 128 15.35 6.14 19.83
C SER B 128 14.28 5.43 18.99
N PRO B 129 14.18 4.09 19.06
CA PRO B 129 13.23 3.34 18.23
C PRO B 129 11.80 3.86 18.38
N VAL B 130 11.46 4.28 19.60
CA VAL B 130 10.11 4.67 19.98
C VAL B 130 9.89 6.11 19.51
N VAL B 131 10.84 6.98 19.86
CA VAL B 131 10.77 8.36 19.44
C VAL B 131 10.60 8.42 17.92
N THR B 132 11.36 7.58 17.22
CA THR B 132 11.25 7.51 15.77
C THR B 132 9.81 7.17 15.40
N TYR B 133 9.26 6.14 16.05
CA TYR B 133 7.94 5.63 15.73
C TYR B 133 6.90 6.72 15.92
N VAL B 134 6.96 7.41 17.08
CA VAL B 134 6.01 8.46 17.39
C VAL B 134 6.15 9.55 16.33
N CYS B 135 7.40 9.98 16.09
CA CYS B 135 7.68 10.97 15.06
C CYS B 135 7.00 10.58 13.75
N ASP B 136 7.08 9.31 13.35
CA ASP B 136 6.43 8.85 12.14
C ASP B 136 4.91 9.11 12.23
N LEU B 137 4.30 8.67 13.34
CA LEU B 137 2.86 8.75 13.49
C LEU B 137 2.40 10.19 13.25
N GLU B 138 3.15 11.14 13.83
CA GLU B 138 2.79 12.53 13.80
C GLU B 138 2.97 13.11 12.40
N GLY B 139 3.53 12.30 11.49
CA GLY B 139 3.85 12.75 10.14
C GLY B 139 5.16 13.53 10.11
N ASN B 140 6.22 12.96 10.71
CA ASN B 140 7.61 13.37 10.56
C ASN B 140 7.79 14.87 10.73
N ARG B 141 6.81 15.53 11.34
CA ARG B 141 6.86 16.97 11.54
C ARG B 141 8.20 17.36 12.18
N VAL B 142 8.64 16.56 13.16
CA VAL B 142 9.94 16.77 13.80
C VAL B 142 10.77 15.48 13.76
N LYS B 143 12.10 15.65 13.87
CA LYS B 143 13.06 14.56 14.00
C LYS B 143 13.15 14.15 15.47
N GLY B 144 13.88 13.05 15.72
CA GLY B 144 14.12 12.54 17.07
C GLY B 144 14.52 13.64 18.05
N PRO B 145 15.79 14.14 17.97
CA PRO B 145 16.30 15.18 18.88
C PRO B 145 15.31 16.29 19.28
N GLU B 146 14.54 16.77 18.30
CA GLU B 146 13.63 17.88 18.48
C GLU B 146 12.44 17.44 19.33
N LYS B 147 11.93 16.22 19.07
CA LYS B 147 10.82 15.70 19.87
C LYS B 147 11.33 15.37 21.26
N GLU B 148 12.54 14.80 21.32
CA GLU B 148 13.19 14.47 22.57
C GLU B 148 13.39 15.74 23.41
N GLU B 149 13.81 16.82 22.73
CA GLU B 149 13.99 18.09 23.40
C GLU B 149 12.66 18.57 23.99
N LYS B 150 11.58 18.48 23.20
CA LYS B 150 10.31 19.03 23.62
C LYS B 150 9.81 18.35 24.89
N LEU B 151 10.02 17.03 25.00
CA LEU B 151 9.52 16.30 26.15
C LEU B 151 10.35 16.69 27.37
N ARG B 152 11.63 16.99 27.14
CA ARG B 152 12.55 17.30 28.23
C ARG B 152 12.16 18.61 28.89
N GLN B 153 11.58 19.54 28.11
CA GLN B 153 11.27 20.87 28.62
C GLN B 153 9.85 20.89 29.20
N ALA B 154 9.01 19.97 28.72
CA ALA B 154 7.66 19.85 29.23
C ALA B 154 7.66 19.34 30.67
N VAL B 155 8.44 18.29 30.93
CA VAL B 155 8.48 17.65 32.24
C VAL B 155 9.14 18.59 33.25
N LYS B 156 8.32 19.14 34.16
CA LYS B 156 8.77 20.16 35.08
C LYS B 156 9.07 19.56 36.45
N GLN B 157 8.34 18.50 36.83
CA GLN B 157 8.43 17.97 38.18
C GLN B 157 8.48 16.45 38.14
N VAL B 158 9.26 15.88 39.06
CA VAL B 158 9.44 14.45 39.18
C VAL B 158 9.22 14.09 40.65
N LEU B 159 7.99 13.68 40.99
CA LEU B 159 7.60 13.61 42.40
C LEU B 159 7.27 12.17 42.79
N LYS B 160 7.59 11.80 44.03
CA LYS B 160 7.08 10.60 44.67
C LYS B 160 5.55 10.64 44.66
N CYS B 161 4.94 9.45 44.73
CA CYS B 161 3.53 9.29 44.42
C CYS B 161 2.99 8.06 45.17
N ASP B 162 1.73 8.12 45.61
CA ASP B 162 1.11 6.94 46.18
C ASP B 162 -0.40 6.97 45.93
N VAL B 163 -0.85 6.10 45.03
CA VAL B 163 -2.20 6.10 44.49
C VAL B 163 -3.21 5.60 45.53
N THR B 164 -2.72 5.09 46.67
CA THR B 164 -3.59 4.54 47.70
C THR B 164 -3.98 5.61 48.73
N GLN B 165 -3.14 6.64 48.86
CA GLN B 165 -3.36 7.71 49.81
C GLN B 165 -4.20 8.78 49.15
N SER B 166 -5.12 9.40 49.92
CA SER B 166 -6.10 10.31 49.35
C SER B 166 -5.49 11.67 48.98
N GLN B 167 -4.27 11.93 49.45
CA GLN B 167 -3.43 12.95 48.85
C GLN B 167 -2.29 12.24 48.12
N PRO B 168 -2.52 11.86 46.83
CA PRO B 168 -1.59 11.00 46.11
C PRO B 168 -0.16 11.53 46.07
N LEU B 169 -0.02 12.86 46.10
CA LEU B 169 1.29 13.48 46.05
C LEU B 169 1.63 14.11 47.41
N GLY B 170 0.83 13.80 48.43
CA GLY B 170 1.02 14.29 49.78
C GLY B 170 1.01 15.82 49.86
N ALA B 171 2.09 16.39 50.42
CA ALA B 171 2.17 17.80 50.78
C ALA B 171 2.45 18.70 49.57
N VAL B 172 3.10 18.16 48.54
CA VAL B 172 3.54 18.97 47.40
C VAL B 172 2.36 19.77 46.83
N PRO B 173 2.51 21.10 46.63
CA PRO B 173 1.45 21.95 46.10
C PRO B 173 1.46 22.01 44.57
N LEU B 174 0.29 21.79 43.97
CA LEU B 174 0.13 21.91 42.52
C LEU B 174 -1.20 22.57 42.22
N PRO B 175 -1.30 23.32 41.10
CA PRO B 175 -2.60 23.77 40.60
C PRO B 175 -3.37 22.53 40.18
N PRO B 176 -4.73 22.53 40.25
CA PRO B 176 -5.52 21.45 39.67
C PRO B 176 -5.07 21.24 38.24
N ALA B 177 -5.00 19.97 37.83
CA ALA B 177 -4.49 19.62 36.52
C ALA B 177 -5.64 19.44 35.53
N ASP B 178 -5.31 19.57 34.24
CA ASP B 178 -6.25 19.50 33.15
C ASP B 178 -6.41 18.04 32.72
N CYS B 179 -5.39 17.22 32.99
CA CYS B 179 -5.39 15.82 32.62
C CYS B 179 -4.49 14.99 33.54
N VAL B 180 -5.06 13.89 34.05
CA VAL B 180 -4.30 12.87 34.76
C VAL B 180 -4.16 11.68 33.82
N LEU B 181 -2.97 11.08 33.78
CA LEU B 181 -2.72 9.97 32.89
C LEU B 181 -2.04 8.84 33.64
N SER B 182 -2.45 7.60 33.36
CA SER B 182 -1.93 6.44 34.05
C SER B 182 -1.97 5.21 33.14
N THR B 183 -0.78 4.71 32.80
CA THR B 183 -0.67 3.53 31.96
C THR B 183 -0.07 2.40 32.79
N LEU B 184 -0.83 1.30 32.94
CA LEU B 184 -0.31 0.07 33.50
C LEU B 184 0.20 0.32 34.91
N CYS B 185 -0.54 1.09 35.71
CA CYS B 185 -0.10 1.36 37.06
C CYS B 185 -1.16 0.96 38.08
N LEU B 186 -2.43 1.24 37.74
CA LEU B 186 -3.56 1.08 38.63
C LEU B 186 -3.77 -0.40 38.98
N ASP B 187 -3.73 -1.28 37.96
CA ASP B 187 -3.83 -2.72 38.15
C ASP B 187 -2.72 -3.20 39.07
N ALA B 188 -1.50 -2.66 38.87
CA ALA B 188 -0.31 -3.11 39.56
C ALA B 188 -0.37 -2.74 41.04
N ALA B 189 -1.03 -1.62 41.33
CA ALA B 189 -0.93 -0.97 42.63
C ALA B 189 -2.09 -1.37 43.54
N CYS B 190 -3.21 -1.80 42.92
CA CYS B 190 -4.47 -1.92 43.62
C CYS B 190 -4.76 -3.38 44.01
N PRO B 191 -4.79 -3.70 45.32
CA PRO B 191 -5.12 -5.05 45.80
C PRO B 191 -6.49 -5.60 45.42
N ASP B 192 -7.51 -4.74 45.36
CA ASP B 192 -8.90 -5.14 45.18
C ASP B 192 -9.68 -4.01 44.49
N LEU B 193 -10.97 -4.29 44.23
CA LEU B 193 -11.89 -3.40 43.50
C LEU B 193 -12.23 -2.17 44.32
N PRO B 194 -12.50 -2.29 45.65
CA PRO B 194 -12.59 -1.13 46.53
C PRO B 194 -11.37 -0.20 46.45
N THR B 195 -10.16 -0.78 46.59
CA THR B 195 -8.93 0.00 46.56
C THR B 195 -8.78 0.67 45.20
N TYR B 196 -9.20 -0.05 44.15
CA TYR B 196 -9.18 0.45 42.79
C TYR B 196 -10.04 1.69 42.72
N CYS B 197 -11.31 1.57 43.16
CA CYS B 197 -12.23 2.69 43.11
C CYS B 197 -11.66 3.83 43.94
N ARG B 198 -11.04 3.48 45.08
CA ARG B 198 -10.48 4.45 46.00
C ARG B 198 -9.36 5.22 45.31
N ALA B 199 -8.61 4.53 44.43
CA ALA B 199 -7.47 5.12 43.76
C ALA B 199 -7.95 6.15 42.75
N LEU B 200 -9.06 5.85 42.08
CA LEU B 200 -9.56 6.65 40.99
C LEU B 200 -10.12 7.96 41.51
N ARG B 201 -10.79 7.90 42.67
CA ARG B 201 -11.34 9.06 43.36
C ARG B 201 -10.21 9.96 43.86
N ASN B 202 -9.11 9.34 44.29
CA ASN B 202 -7.90 10.01 44.76
C ASN B 202 -7.25 10.80 43.63
N LEU B 203 -7.36 10.27 42.40
CA LEU B 203 -6.73 10.89 41.25
C LEU B 203 -7.54 12.12 40.87
N GLY B 204 -8.82 12.12 41.26
CA GLY B 204 -9.76 13.18 40.93
C GLY B 204 -9.47 14.49 41.65
N SER B 205 -8.92 14.39 42.87
CA SER B 205 -8.55 15.56 43.65
C SER B 205 -7.38 16.32 43.03
N LEU B 206 -6.85 15.79 41.91
CA LEU B 206 -5.76 16.42 41.18
C LEU B 206 -6.31 17.17 39.98
N LEU B 207 -7.56 16.87 39.60
CA LEU B 207 -8.14 17.31 38.34
C LEU B 207 -9.07 18.50 38.58
N LYS B 208 -9.01 19.48 37.66
CA LYS B 208 -10.08 20.46 37.45
C LYS B 208 -11.36 19.71 37.07
N PRO B 209 -12.54 20.08 37.61
CA PRO B 209 -13.82 19.59 37.08
C PRO B 209 -13.84 19.71 35.57
N GLY B 210 -14.29 18.64 34.89
CA GLY B 210 -14.27 18.59 33.45
C GLY B 210 -12.86 18.32 32.92
N GLY B 211 -12.00 17.82 33.81
CA GLY B 211 -10.63 17.42 33.48
C GLY B 211 -10.58 16.00 32.93
N PHE B 212 -9.47 15.68 32.25
CA PHE B 212 -9.34 14.41 31.55
C PHE B 212 -8.59 13.40 32.40
N LEU B 213 -9.12 12.17 32.41
CA LEU B 213 -8.47 11.00 32.97
C LEU B 213 -8.21 10.01 31.83
N VAL B 214 -6.94 9.67 31.61
CA VAL B 214 -6.61 8.74 30.53
C VAL B 214 -5.84 7.55 31.11
N ILE B 215 -6.46 6.37 31.05
CA ILE B 215 -5.91 5.17 31.65
C ILE B 215 -5.76 4.09 30.60
N MET B 216 -4.62 3.40 30.63
CA MET B 216 -4.38 2.25 29.77
C MET B 216 -3.81 1.13 30.64
N ASP B 217 -4.49 -0.01 30.67
CA ASP B 217 -4.12 -1.08 31.58
C ASP B 217 -4.47 -2.46 31.02
N ALA B 218 -4.06 -3.51 31.74
CA ALA B 218 -4.30 -4.90 31.33
C ALA B 218 -5.69 -5.37 31.75
N LEU B 219 -6.27 -6.25 30.91
CA LEU B 219 -7.59 -6.84 31.10
C LEU B 219 -7.41 -8.28 31.57
N LYS B 220 -8.12 -8.62 32.66
CA LYS B 220 -8.22 -9.97 33.20
C LYS B 220 -6.83 -10.60 33.36
N SER B 221 -6.15 -10.19 34.43
CA SER B 221 -4.73 -10.49 34.62
C SER B 221 -4.46 -10.59 36.12
N SER B 222 -3.64 -11.57 36.50
CA SER B 222 -3.34 -11.80 37.92
C SER B 222 -1.87 -11.53 38.25
N TYR B 223 -0.99 -11.55 37.23
CA TYR B 223 0.43 -11.29 37.43
C TYR B 223 1.06 -10.76 36.14
N TYR B 224 2.31 -10.27 36.28
CA TYR B 224 3.19 -9.90 35.17
C TYR B 224 4.64 -10.01 35.66
N MET B 225 5.57 -10.34 34.75
CA MET B 225 6.90 -10.78 35.11
C MET B 225 7.96 -9.73 34.75
N ILE B 226 8.93 -9.57 35.65
CA ILE B 226 10.13 -8.79 35.39
C ILE B 226 11.34 -9.67 35.70
N GLY B 227 11.85 -10.33 34.65
CA GLY B 227 12.86 -11.36 34.79
C GLY B 227 12.29 -12.56 35.57
N GLU B 228 12.88 -12.81 36.73
CA GLU B 228 12.51 -13.89 37.61
C GLU B 228 11.33 -13.50 38.51
N GLN B 229 11.17 -12.19 38.76
CA GLN B 229 10.30 -11.65 39.79
CA GLN B 229 10.30 -11.67 39.80
C GLN B 229 8.85 -11.56 39.30
N LYS B 230 7.92 -11.96 40.18
CA LYS B 230 6.49 -11.94 39.91
C LYS B 230 5.84 -10.79 40.67
N PHE B 231 5.00 -10.02 39.96
CA PHE B 231 4.28 -8.89 40.52
C PHE B 231 2.79 -9.10 40.28
N SER B 232 1.99 -8.92 41.35
CA SER B 232 0.55 -9.11 41.31
C SER B 232 -0.11 -8.14 40.34
N SER B 233 -1.39 -8.42 40.06
CA SER B 233 -2.21 -7.67 39.14
C SER B 233 -3.68 -7.97 39.42
N LEU B 234 -4.51 -6.93 39.50
CA LEU B 234 -5.93 -7.09 39.76
C LEU B 234 -6.60 -7.63 38.50
N PRO B 235 -7.20 -8.85 38.56
CA PRO B 235 -7.78 -9.49 37.37
C PRO B 235 -9.18 -8.96 37.17
N LEU B 236 -9.28 -7.83 36.45
CA LEU B 236 -10.57 -7.17 36.29
C LEU B 236 -10.90 -7.01 34.81
N GLY B 237 -12.20 -7.12 34.50
CA GLY B 237 -12.71 -7.05 33.14
C GLY B 237 -13.25 -5.67 32.80
N ARG B 238 -13.80 -5.54 31.58
CA ARG B 238 -14.31 -4.29 31.06
C ARG B 238 -15.38 -3.74 32.02
N GLU B 239 -16.25 -4.64 32.48
CA GLU B 239 -17.40 -4.30 33.30
C GLU B 239 -16.96 -3.60 34.60
N ALA B 240 -16.01 -4.21 35.31
CA ALA B 240 -15.54 -3.70 36.59
C ALA B 240 -14.80 -2.37 36.40
N VAL B 241 -13.99 -2.25 35.33
CA VAL B 241 -13.26 -1.04 35.06
C VAL B 241 -14.28 0.09 34.86
N GLU B 242 -15.21 -0.14 33.92
CA GLU B 242 -16.26 0.81 33.59
C GLU B 242 -16.97 1.25 34.86
N ALA B 243 -17.44 0.27 35.66
CA ALA B 243 -18.19 0.53 36.88
C ALA B 243 -17.38 1.38 37.86
N ALA B 244 -16.14 0.96 38.17
CA ALA B 244 -15.36 1.64 39.18
C ALA B 244 -15.09 3.10 38.80
N VAL B 245 -15.17 3.43 37.50
CA VAL B 245 -14.85 4.76 37.02
C VAL B 245 -16.07 5.67 37.19
N LYS B 246 -17.25 5.15 36.85
CA LYS B 246 -18.50 5.90 36.93
C LYS B 246 -18.79 6.32 38.38
N GLU B 247 -18.38 5.49 39.34
CA GLU B 247 -18.65 5.71 40.76
C GLU B 247 -17.67 6.72 41.36
N ALA B 248 -16.51 6.85 40.73
CA ALA B 248 -15.47 7.74 41.24
C ALA B 248 -15.76 9.18 40.86
N GLY B 249 -16.80 9.38 40.04
CA GLY B 249 -17.27 10.71 39.70
C GLY B 249 -16.76 11.15 38.34
N TYR B 250 -16.77 10.20 37.40
CA TYR B 250 -16.25 10.44 36.06
C TYR B 250 -17.28 9.96 35.06
N THR B 251 -17.47 10.74 34.02
CA THR B 251 -18.25 10.32 32.88
C THR B 251 -17.27 9.85 31.79
N ILE B 252 -17.58 8.71 31.17
CA ILE B 252 -16.63 8.08 30.26
C ILE B 252 -16.93 8.51 28.82
N GLU B 253 -15.94 9.13 28.15
CA GLU B 253 -16.07 9.67 26.80
C GLU B 253 -15.93 8.54 25.77
N TRP B 254 -14.97 7.62 26.02
CA TRP B 254 -14.87 6.41 25.22
C TRP B 254 -13.99 5.35 25.87
N PHE B 255 -14.16 4.11 25.38
CA PHE B 255 -13.63 2.91 26.00
C PHE B 255 -13.34 1.90 24.90
N GLU B 256 -12.11 1.37 24.90
CA GLU B 256 -11.64 0.52 23.82
C GLU B 256 -11.00 -0.72 24.42
N VAL B 257 -11.39 -1.89 23.90
CA VAL B 257 -10.83 -3.16 24.32
C VAL B 257 -10.08 -3.75 23.14
N ILE B 258 -8.84 -4.18 23.37
CA ILE B 258 -8.10 -4.95 22.38
C ILE B 258 -7.80 -6.33 22.96
N SER B 259 -7.75 -7.33 22.09
CA SER B 259 -7.63 -8.72 22.49
C SER B 259 -6.17 -9.15 22.64
N GLN B 260 -5.31 -8.48 21.87
CA GLN B 260 -3.87 -8.63 21.86
C GLN B 260 -3.36 -8.78 23.28
N SER B 261 -2.53 -9.82 23.52
CA SER B 261 -2.02 -10.17 24.84
C SER B 261 -0.51 -9.98 24.92
N TYR B 262 0.05 -10.22 26.12
CA TYR B 262 1.48 -10.28 26.34
C TYR B 262 1.94 -11.73 26.14
N SER B 263 3.25 -11.90 25.87
CA SER B 263 3.86 -13.22 25.85
C SER B 263 3.43 -13.97 27.11
N SER B 264 3.14 -15.26 26.98
CA SER B 264 2.58 -16.03 28.08
C SER B 264 3.64 -16.24 29.15
N THR B 265 4.90 -15.95 28.81
CA THR B 265 6.01 -16.12 29.73
C THR B 265 6.19 -14.86 30.57
N MET B 266 5.22 -13.94 30.46
CA MET B 266 5.36 -12.61 31.03
C MET B 266 4.12 -12.17 31.81
N ALA B 267 2.93 -12.54 31.33
CA ALA B 267 1.68 -12.21 32.01
C ALA B 267 0.57 -13.12 31.51
N ASN B 268 -0.61 -13.00 32.12
CA ASN B 268 -1.77 -13.76 31.70
C ASN B 268 -2.96 -12.83 31.52
N ASN B 269 -2.74 -11.69 30.85
CA ASN B 269 -3.83 -10.77 30.58
C ASN B 269 -4.64 -11.31 29.42
N GLU B 270 -5.91 -10.88 29.34
CA GLU B 270 -6.78 -11.27 28.25
C GLU B 270 -6.92 -10.11 27.27
N GLY B 271 -6.22 -9.01 27.56
CA GLY B 271 -6.11 -7.91 26.63
C GLY B 271 -5.80 -6.59 27.32
N LEU B 272 -6.18 -5.50 26.65
CA LEU B 272 -5.92 -4.15 27.12
C LEU B 272 -7.15 -3.29 26.85
N PHE B 273 -7.33 -2.28 27.69
CA PHE B 273 -8.32 -1.24 27.48
C PHE B 273 -7.63 0.11 27.56
N SER B 274 -8.16 1.08 26.83
CA SER B 274 -7.81 2.49 26.96
C SER B 274 -9.12 3.24 27.18
N LEU B 275 -9.12 4.23 28.08
CA LEU B 275 -10.31 5.06 28.15
C LEU B 275 -9.94 6.53 28.34
N VAL B 276 -10.87 7.40 27.93
CA VAL B 276 -10.82 8.81 28.23
C VAL B 276 -12.11 9.16 28.97
N ALA B 277 -11.95 9.74 30.17
CA ALA B 277 -13.06 10.07 31.04
C ALA B 277 -12.90 11.51 31.56
N ARG B 278 -14.05 12.13 31.80
CA ARG B 278 -14.12 13.50 32.26
C ARG B 278 -14.57 13.48 33.70
N LYS B 279 -14.02 14.40 34.51
CA LYS B 279 -14.45 14.58 35.89
C LYS B 279 -15.70 15.45 35.91
N LEU B 280 -16.59 15.16 36.86
CA LEU B 280 -17.85 15.89 36.98
C LEU B 280 -17.66 17.17 37.82
N PHE C 25 33.69 15.42 -6.39
CA PHE C 25 32.94 14.13 -6.43
C PHE C 25 33.40 13.23 -5.29
N THR C 26 32.42 12.75 -4.50
CA THR C 26 32.62 11.90 -3.34
C THR C 26 33.68 10.83 -3.62
N SER C 27 34.65 10.73 -2.71
CA SER C 27 35.68 9.72 -2.78
C SER C 27 35.17 8.47 -2.05
N LYS C 28 35.68 7.30 -2.45
CA LYS C 28 35.16 6.05 -1.94
C LYS C 28 35.46 5.92 -0.44
N ASP C 29 36.53 6.58 0.03
CA ASP C 29 36.91 6.51 1.43
C ASP C 29 35.86 7.19 2.32
N THR C 30 35.02 8.05 1.72
CA THR C 30 33.98 8.74 2.46
C THR C 30 32.81 7.80 2.71
N TYR C 31 32.66 6.80 1.84
CA TYR C 31 31.69 5.74 2.02
C TYR C 31 32.17 4.82 3.13
N LEU C 32 33.47 4.85 3.39
CA LEU C 32 34.05 4.07 4.49
C LEU C 32 33.81 4.79 5.81
N SER C 33 33.98 6.13 5.80
CA SER C 33 33.88 6.98 6.98
C SER C 33 32.42 7.35 7.27
N HIS C 34 31.73 7.92 6.27
CA HIS C 34 30.55 8.74 6.48
C HIS C 34 29.25 8.05 6.06
N PHE C 35 29.34 7.02 5.20
CA PHE C 35 28.13 6.29 4.86
C PHE C 35 27.64 5.52 6.09
N ASN C 36 26.59 6.05 6.71
CA ASN C 36 26.06 5.45 7.92
C ASN C 36 24.93 4.48 7.55
N PRO C 37 25.16 3.16 7.67
CA PRO C 37 24.19 2.15 7.24
C PRO C 37 22.81 2.23 7.90
N ARG C 38 22.77 2.56 9.20
CA ARG C 38 21.48 2.59 9.88
C ARG C 38 20.68 3.80 9.40
N ASP C 39 21.37 4.91 9.10
CA ASP C 39 20.67 6.13 8.71
C ASP C 39 20.15 5.98 7.28
N TYR C 40 20.99 5.43 6.39
CA TYR C 40 20.63 5.15 5.01
C TYR C 40 19.31 4.37 4.96
N LEU C 41 19.20 3.34 5.79
CA LEU C 41 18.02 2.50 5.88
C LEU C 41 16.84 3.30 6.42
N GLU C 42 17.10 4.15 7.42
CA GLU C 42 16.04 4.88 8.11
C GLU C 42 15.42 5.93 7.18
N LYS C 43 16.26 6.63 6.41
CA LYS C 43 15.82 7.73 5.57
C LYS C 43 15.07 7.22 4.35
N TYR C 44 15.39 6.00 3.90
CA TYR C 44 15.06 5.61 2.54
C TYR C 44 14.19 4.35 2.45
N TYR C 45 14.14 3.54 3.51
CA TYR C 45 13.63 2.19 3.31
C TYR C 45 12.64 1.75 4.40
N LYS C 46 12.00 2.70 5.08
CA LYS C 46 11.15 2.32 6.20
C LYS C 46 9.79 1.84 5.69
N PHE C 47 9.16 2.61 4.79
CA PHE C 47 7.96 2.13 4.10
C PHE C 47 6.79 2.02 5.08
N GLY C 48 6.59 3.05 5.93
CA GLY C 48 5.70 2.94 7.07
C GLY C 48 4.74 4.13 7.24
N SER C 49 3.44 3.82 7.25
CA SER C 49 2.31 4.70 7.55
C SER C 49 2.45 6.10 6.94
N ARG C 50 3.16 6.19 5.82
CA ARG C 50 3.47 7.49 5.21
C ARG C 50 3.79 7.29 3.72
N HIS C 51 2.94 7.84 2.86
CA HIS C 51 3.22 7.94 1.43
C HIS C 51 4.29 9.00 1.21
N SER C 52 5.47 8.58 0.73
CA SER C 52 6.54 9.52 0.43
C SER C 52 7.16 9.22 -0.94
N ALA C 53 7.94 10.19 -1.45
CA ALA C 53 8.67 10.01 -2.69
C ALA C 53 9.58 8.78 -2.58
N GLU C 54 10.28 8.67 -1.45
CA GLU C 54 11.13 7.54 -1.15
C GLU C 54 10.31 6.26 -1.27
N SER C 55 9.18 6.26 -0.57
CA SER C 55 8.32 5.09 -0.40
C SER C 55 7.71 4.67 -1.75
N GLN C 56 7.49 5.65 -2.64
CA GLN C 56 6.90 5.39 -3.95
C GLN C 56 7.94 4.81 -4.92
N ILE C 57 9.21 5.25 -4.79
CA ILE C 57 10.30 4.75 -5.63
C ILE C 57 10.58 3.29 -5.29
N LEU C 58 10.62 2.97 -3.99
CA LEU C 58 10.85 1.62 -3.52
C LEU C 58 9.81 0.67 -4.11
N LYS C 59 8.53 1.05 -4.02
CA LYS C 59 7.42 0.28 -4.57
C LYS C 59 7.62 0.04 -6.06
N HIS C 60 8.19 1.03 -6.76
CA HIS C 60 8.36 0.97 -8.20
C HIS C 60 9.54 0.06 -8.56
N LEU C 61 10.63 0.19 -7.80
CA LEU C 61 11.81 -0.65 -7.96
C LEU C 61 11.41 -2.12 -7.78
N LEU C 62 10.62 -2.39 -6.72
CA LEU C 62 10.14 -3.73 -6.39
C LEU C 62 9.32 -4.31 -7.55
N LYS C 63 8.45 -3.47 -8.14
CA LYS C 63 7.64 -3.90 -9.27
C LYS C 63 8.54 -4.27 -10.45
N ASN C 64 9.62 -3.49 -10.63
CA ASN C 64 10.57 -3.75 -11.70
C ASN C 64 11.28 -5.08 -11.46
N LEU C 65 11.80 -5.27 -10.24
CA LEU C 65 12.51 -6.50 -9.93
C LEU C 65 11.58 -7.71 -10.11
N PHE C 66 10.30 -7.54 -9.75
CA PHE C 66 9.31 -8.60 -9.87
C PHE C 66 8.97 -8.88 -11.33
N LYS C 67 9.00 -7.84 -12.18
CA LYS C 67 8.76 -8.06 -13.59
C LYS C 67 9.99 -8.75 -14.20
N ILE C 68 11.18 -8.47 -13.66
CA ILE C 68 12.41 -8.96 -14.26
C ILE C 68 12.73 -10.38 -13.79
N PHE C 69 12.57 -10.67 -12.50
CA PHE C 69 12.94 -11.97 -11.97
C PHE C 69 11.76 -12.94 -11.95
N CYS C 70 10.51 -12.45 -12.08
CA CYS C 70 9.36 -13.35 -11.96
C CYS C 70 8.52 -13.44 -13.24
N LEU C 71 8.43 -12.36 -14.01
CA LEU C 71 7.69 -12.48 -15.27
C LEU C 71 8.62 -12.98 -16.37
N ASP C 72 9.76 -12.31 -16.54
CA ASP C 72 10.66 -12.59 -17.66
C ASP C 72 11.38 -13.92 -17.44
N GLY C 73 12.23 -14.27 -18.41
CA GLY C 73 13.05 -15.48 -18.31
C GLY C 73 14.44 -15.21 -17.76
N VAL C 74 14.51 -14.53 -16.59
CA VAL C 74 15.78 -14.26 -15.92
C VAL C 74 15.90 -15.18 -14.71
N LYS C 75 16.56 -16.32 -14.90
CA LYS C 75 16.90 -17.25 -13.83
C LYS C 75 18.33 -17.76 -14.04
N GLY C 76 18.79 -18.56 -13.08
CA GLY C 76 20.08 -19.23 -13.16
C GLY C 76 20.50 -19.75 -11.78
N ASP C 77 21.75 -20.21 -11.70
CA ASP C 77 22.29 -20.68 -10.44
C ASP C 77 22.71 -19.50 -9.57
N LEU C 78 23.60 -18.65 -10.10
CA LEU C 78 24.28 -17.66 -9.27
C LEU C 78 23.95 -16.24 -9.72
N LEU C 79 23.49 -15.43 -8.74
CA LEU C 79 23.41 -13.99 -8.88
C LEU C 79 24.41 -13.33 -7.93
N ILE C 80 25.30 -12.52 -8.52
CA ILE C 80 26.16 -11.61 -7.79
C ILE C 80 25.47 -10.24 -7.76
N ASP C 81 25.41 -9.65 -6.57
CA ASP C 81 24.83 -8.35 -6.33
C ASP C 81 25.93 -7.38 -5.92
N ILE C 82 25.95 -6.21 -6.57
CA ILE C 82 27.08 -5.30 -6.52
C ILE C 82 26.63 -4.01 -5.85
N GLY C 83 27.47 -3.48 -4.95
CA GLY C 83 27.14 -2.30 -4.17
C GLY C 83 25.81 -2.45 -3.45
N SER C 84 25.61 -3.63 -2.83
CA SER C 84 24.39 -4.06 -2.18
C SER C 84 23.98 -3.10 -1.06
N GLY C 85 24.96 -2.40 -0.51
CA GLY C 85 24.74 -1.58 0.67
C GLY C 85 24.25 -2.44 1.83
N PRO C 86 23.44 -1.89 2.74
CA PRO C 86 22.82 -2.67 3.80
C PRO C 86 21.40 -3.12 3.45
N THR C 87 21.06 -3.07 2.16
CA THR C 87 19.70 -3.35 1.74
C THR C 87 19.62 -4.81 1.29
N ILE C 88 18.41 -5.37 1.35
CA ILE C 88 18.18 -6.73 0.93
C ILE C 88 17.00 -6.76 -0.04
N TYR C 89 16.34 -5.60 -0.19
CA TYR C 89 15.12 -5.49 -0.98
C TYR C 89 15.32 -6.01 -2.41
N GLN C 90 16.53 -5.84 -2.97
CA GLN C 90 16.70 -6.07 -4.39
C GLN C 90 16.78 -7.56 -4.68
N LEU C 91 16.60 -8.37 -3.64
CA LEU C 91 16.96 -9.78 -3.71
C LEU C 91 15.74 -10.66 -3.42
N LEU C 92 14.71 -10.05 -2.84
CA LEU C 92 13.48 -10.74 -2.47
C LEU C 92 12.86 -11.43 -3.68
N SER C 93 12.99 -10.82 -4.87
CA SER C 93 12.42 -11.43 -6.07
C SER C 93 13.45 -12.31 -6.75
N ALA C 94 14.72 -11.88 -6.72
CA ALA C 94 15.79 -12.61 -7.41
C ALA C 94 15.95 -14.00 -6.82
N CYS C 95 15.62 -14.17 -5.54
CA CYS C 95 15.86 -15.43 -4.86
C CYS C 95 14.77 -16.46 -5.16
N GLU C 96 13.79 -16.09 -6.01
CA GLU C 96 12.84 -17.04 -6.54
C GLU C 96 13.38 -17.63 -7.85
N SER C 97 14.44 -17.01 -8.37
CA SER C 97 14.94 -17.26 -9.71
C SER C 97 16.41 -17.69 -9.72
N PHE C 98 17.08 -17.56 -8.57
CA PHE C 98 18.48 -17.92 -8.47
C PHE C 98 18.71 -18.80 -7.24
N LYS C 99 19.41 -19.91 -7.47
CA LYS C 99 19.77 -20.85 -6.43
C LYS C 99 20.64 -20.16 -5.38
N GLU C 100 21.60 -19.35 -5.86
CA GLU C 100 22.66 -18.82 -5.03
C GLU C 100 22.83 -17.33 -5.33
N ILE C 101 23.05 -16.56 -4.25
CA ILE C 101 23.23 -15.12 -4.34
C ILE C 101 24.41 -14.73 -3.46
N VAL C 102 25.33 -13.97 -4.06
CA VAL C 102 26.43 -13.35 -3.34
C VAL C 102 26.17 -11.85 -3.22
N VAL C 103 26.32 -11.31 -2.01
CA VAL C 103 26.16 -9.88 -1.75
C VAL C 103 27.52 -9.23 -1.59
N THR C 104 27.66 -8.00 -2.12
CA THR C 104 28.92 -7.27 -2.02
C THR C 104 28.68 -5.78 -1.87
N ASP C 105 29.59 -5.12 -1.17
CA ASP C 105 29.66 -3.67 -1.09
C ASP C 105 31.11 -3.29 -0.80
N TYR C 106 31.42 -2.01 -0.96
CA TYR C 106 32.77 -1.52 -0.74
C TYR C 106 33.02 -1.35 0.75
N SER C 107 31.96 -0.97 1.48
CA SER C 107 32.04 -0.68 2.91
C SER C 107 31.66 -1.92 3.72
N ASP C 108 32.37 -2.12 4.83
CA ASP C 108 32.17 -3.30 5.66
C ASP C 108 31.05 -3.06 6.67
N GLN C 109 30.93 -1.81 7.13
CA GLN C 109 29.87 -1.47 8.06
C GLN C 109 28.51 -1.65 7.38
N ASN C 110 28.50 -1.57 6.05
CA ASN C 110 27.33 -1.89 5.26
C ASN C 110 27.10 -3.41 5.29
N LEU C 111 28.15 -4.17 4.96
CA LEU C 111 28.07 -5.63 4.94
C LEU C 111 27.70 -6.16 6.32
N GLN C 112 28.09 -5.41 7.35
CA GLN C 112 27.81 -5.76 8.74
C GLN C 112 26.29 -5.75 8.95
N GLU C 113 25.64 -4.62 8.61
CA GLU C 113 24.18 -4.49 8.72
C GLU C 113 23.50 -5.65 8.00
N LEU C 114 23.99 -6.00 6.80
CA LEU C 114 23.43 -7.08 5.99
C LEU C 114 23.39 -8.37 6.79
N GLU C 115 24.52 -8.69 7.42
CA GLU C 115 24.72 -9.95 8.12
C GLU C 115 23.92 -9.98 9.43
N LYS C 116 23.67 -8.79 10.01
CA LYS C 116 22.76 -8.69 11.13
C LYS C 116 21.39 -9.22 10.72
N TRP C 117 20.90 -8.80 9.55
CA TRP C 117 19.59 -9.21 9.09
C TRP C 117 19.59 -10.68 8.69
N LEU C 118 20.67 -11.10 8.04
CA LEU C 118 20.86 -12.48 7.60
C LEU C 118 20.82 -13.43 8.81
N LYS C 119 21.36 -12.97 9.95
CA LYS C 119 21.45 -13.79 11.15
C LYS C 119 20.15 -13.70 11.94
N ALA C 120 19.44 -12.58 11.81
CA ALA C 120 18.10 -12.38 12.33
C ALA C 120 18.12 -11.97 13.81
N ALA C 121 19.04 -11.06 14.17
CA ALA C 121 19.06 -10.49 15.51
C ALA C 121 18.01 -9.39 15.63
N PRO C 122 17.26 -9.26 16.75
CA PRO C 122 16.26 -8.21 16.90
C PRO C 122 16.83 -6.80 16.72
N ALA C 123 18.16 -6.74 16.59
CA ALA C 123 18.91 -5.51 16.33
C ALA C 123 18.88 -5.17 14.84
N ALA C 124 18.60 -6.19 14.02
CA ALA C 124 18.53 -6.01 12.57
C ALA C 124 17.36 -5.10 12.19
N PHE C 125 17.45 -4.52 11.00
CA PHE C 125 16.45 -3.60 10.46
C PHE C 125 15.17 -4.40 10.18
N ASP C 126 14.02 -3.72 10.20
CA ASP C 126 12.75 -4.37 9.92
C ASP C 126 12.39 -4.14 8.46
N TRP C 127 12.31 -5.23 7.69
CA TRP C 127 12.00 -5.17 6.27
C TRP C 127 10.58 -5.68 6.02
N SER C 128 9.92 -6.14 7.08
CA SER C 128 8.64 -6.85 7.01
C SER C 128 7.66 -6.23 6.02
N PRO C 129 7.45 -4.88 6.02
CA PRO C 129 6.54 -4.25 5.05
C PRO C 129 6.96 -4.44 3.59
N VAL C 130 8.26 -4.36 3.32
CA VAL C 130 8.77 -4.62 1.98
C VAL C 130 8.45 -6.07 1.60
N VAL C 131 8.66 -6.98 2.57
CA VAL C 131 8.58 -8.42 2.35
C VAL C 131 7.14 -8.81 2.04
N THR C 132 6.18 -8.27 2.80
CA THR C 132 4.75 -8.52 2.62
C THR C 132 4.32 -8.07 1.22
N TYR C 133 4.88 -6.94 0.77
CA TYR C 133 4.50 -6.31 -0.47
C TYR C 133 4.97 -7.14 -1.67
N VAL C 134 6.15 -7.75 -1.55
CA VAL C 134 6.68 -8.59 -2.62
C VAL C 134 5.95 -9.93 -2.63
N CYS C 135 5.72 -10.50 -1.43
CA CYS C 135 4.89 -11.68 -1.29
C CYS C 135 3.57 -11.42 -2.00
N ASP C 136 3.06 -10.21 -1.79
CA ASP C 136 1.80 -9.74 -2.35
C ASP C 136 1.87 -9.81 -3.87
N LEU C 137 2.80 -9.06 -4.46
CA LEU C 137 2.99 -9.00 -5.90
C LEU C 137 3.14 -10.41 -6.46
N GLU C 138 3.90 -11.26 -5.75
CA GLU C 138 4.19 -12.61 -6.20
C GLU C 138 2.98 -13.52 -6.01
N GLY C 139 1.88 -12.93 -5.53
CA GLY C 139 0.58 -13.56 -5.56
C GLY C 139 0.25 -14.31 -4.26
N ASN C 140 1.03 -14.03 -3.21
CA ASN C 140 0.86 -14.64 -1.91
C ASN C 140 0.92 -16.17 -2.04
N ARG C 141 1.93 -16.66 -2.76
CA ARG C 141 2.22 -18.09 -2.80
C ARG C 141 2.98 -18.48 -1.54
N VAL C 142 3.57 -17.47 -0.89
CA VAL C 142 4.28 -17.61 0.38
C VAL C 142 3.86 -16.48 1.32
N LYS C 143 4.01 -16.71 2.63
CA LYS C 143 3.79 -15.66 3.61
C LYS C 143 5.12 -14.94 3.88
N GLY C 144 5.07 -13.94 4.78
CA GLY C 144 6.22 -13.14 5.15
C GLY C 144 7.40 -13.99 5.62
N PRO C 145 7.23 -14.86 6.66
CA PRO C 145 8.32 -15.70 7.16
C PRO C 145 8.96 -16.63 6.14
N GLU C 146 8.15 -17.22 5.25
CA GLU C 146 8.68 -18.24 4.35
C GLU C 146 9.64 -17.60 3.35
N LYS C 147 9.38 -16.32 2.99
CA LYS C 147 10.14 -15.61 1.97
C LYS C 147 11.48 -15.16 2.54
N GLU C 148 11.45 -14.55 3.72
CA GLU C 148 12.68 -14.12 4.37
C GLU C 148 13.61 -15.32 4.52
N GLU C 149 13.02 -16.48 4.83
CA GLU C 149 13.77 -17.71 5.06
C GLU C 149 14.44 -18.16 3.75
N LYS C 150 13.69 -18.13 2.64
CA LYS C 150 14.16 -18.56 1.34
C LYS C 150 15.34 -17.68 0.90
N LEU C 151 15.25 -16.38 1.20
CA LEU C 151 16.32 -15.44 0.89
C LEU C 151 17.54 -15.72 1.77
N ARG C 152 17.28 -15.99 3.06
CA ARG C 152 18.34 -16.24 4.03
C ARG C 152 19.16 -17.45 3.60
N GLN C 153 18.59 -18.34 2.80
CA GLN C 153 19.26 -19.56 2.39
C GLN C 153 19.97 -19.37 1.06
N ALA C 154 19.50 -18.40 0.26
CA ALA C 154 20.07 -18.15 -1.05
C ALA C 154 21.43 -17.47 -0.91
N VAL C 155 21.57 -16.69 0.16
CA VAL C 155 22.77 -15.88 0.32
C VAL C 155 23.93 -16.77 0.76
N LYS C 156 24.81 -17.05 -0.19
CA LYS C 156 25.91 -17.98 0.03
C LYS C 156 27.09 -17.27 0.68
N GLN C 157 27.37 -16.02 0.25
CA GLN C 157 28.53 -15.29 0.75
C GLN C 157 28.27 -13.78 0.80
N VAL C 158 28.99 -13.12 1.72
CA VAL C 158 29.07 -11.67 1.83
C VAL C 158 30.53 -11.27 1.62
N LEU C 159 30.77 -10.36 0.67
CA LEU C 159 32.11 -10.13 0.17
C LEU C 159 32.41 -8.64 0.06
N LYS C 160 33.71 -8.31 0.13
CA LYS C 160 34.22 -6.97 -0.14
C LYS C 160 34.32 -6.77 -1.65
N CYS C 161 34.11 -5.52 -2.10
CA CYS C 161 33.73 -5.21 -3.47
C CYS C 161 34.22 -3.82 -3.88
N ASP C 162 34.75 -3.70 -5.10
CA ASP C 162 35.09 -2.40 -5.66
C ASP C 162 34.97 -2.43 -7.18
N VAL C 163 33.96 -1.71 -7.72
CA VAL C 163 33.60 -1.72 -9.13
C VAL C 163 34.65 -1.03 -10.00
N THR C 164 35.55 -0.27 -9.35
CA THR C 164 36.57 0.50 -10.08
C THR C 164 37.74 -0.39 -10.52
N GLN C 165 37.98 -1.49 -9.80
CA GLN C 165 39.12 -2.37 -10.05
C GLN C 165 38.71 -3.47 -11.01
N SER C 166 39.62 -3.83 -11.91
CA SER C 166 39.35 -4.74 -13.03
C SER C 166 38.82 -6.09 -12.54
N GLN C 167 39.27 -6.51 -11.34
CA GLN C 167 38.64 -7.65 -10.69
C GLN C 167 37.91 -7.15 -9.46
N PRO C 168 36.60 -6.80 -9.58
CA PRO C 168 35.87 -6.12 -8.50
C PRO C 168 35.85 -6.92 -7.20
N LEU C 169 36.10 -8.23 -7.32
CA LEU C 169 36.04 -9.10 -6.16
C LEU C 169 37.44 -9.55 -5.74
N GLY C 170 38.46 -9.03 -6.45
CA GLY C 170 39.87 -9.24 -6.10
C GLY C 170 40.33 -10.67 -6.37
N ALA C 171 40.89 -11.30 -5.34
CA ALA C 171 41.29 -12.68 -5.41
C ALA C 171 40.06 -13.59 -5.45
N VAL C 172 39.10 -13.33 -4.54
CA VAL C 172 38.10 -14.30 -4.12
C VAL C 172 37.46 -14.98 -5.34
N PRO C 173 37.76 -16.28 -5.54
CA PRO C 173 37.28 -17.02 -6.71
C PRO C 173 35.83 -17.50 -6.58
N LEU C 174 35.02 -17.19 -7.60
CA LEU C 174 33.66 -17.68 -7.75
C LEU C 174 33.49 -18.17 -9.18
N PRO C 175 32.48 -19.02 -9.47
CA PRO C 175 32.15 -19.36 -10.84
C PRO C 175 31.61 -18.10 -11.51
N PRO C 176 31.66 -17.99 -12.85
CA PRO C 176 30.95 -16.92 -13.56
C PRO C 176 29.45 -16.95 -13.25
N ALA C 177 28.86 -15.75 -13.14
CA ALA C 177 27.48 -15.61 -12.75
C ALA C 177 26.58 -15.66 -13.99
N ASP C 178 25.31 -16.03 -13.76
CA ASP C 178 24.24 -15.92 -14.73
C ASP C 178 23.68 -14.51 -14.69
N CYS C 179 23.81 -13.85 -13.52
CA CYS C 179 23.30 -12.51 -13.33
C CYS C 179 24.17 -11.70 -12.37
N VAL C 180 24.45 -10.45 -12.77
CA VAL C 180 24.99 -9.40 -11.91
C VAL C 180 23.89 -8.35 -11.72
N LEU C 181 23.60 -8.01 -10.47
CA LEU C 181 22.60 -7.01 -10.12
C LEU C 181 23.32 -5.84 -9.46
N SER C 182 22.87 -4.62 -9.73
CA SER C 182 23.43 -3.43 -9.11
C SER C 182 22.33 -2.36 -9.01
N THR C 183 21.87 -2.09 -7.79
CA THR C 183 20.81 -1.13 -7.56
C THR C 183 21.38 0.11 -6.88
N LEU C 184 21.37 1.22 -7.63
CA LEU C 184 21.72 2.56 -7.14
C LEU C 184 23.15 2.61 -6.60
N CYS C 185 24.04 1.83 -7.23
CA CYS C 185 25.43 1.74 -6.82
C CYS C 185 26.33 2.56 -7.77
N LEU C 186 26.28 2.24 -9.07
CA LEU C 186 27.25 2.69 -10.06
C LEU C 186 27.30 4.22 -10.15
N ASP C 187 26.11 4.85 -10.19
CA ASP C 187 25.99 6.30 -10.21
C ASP C 187 26.84 6.90 -9.08
N ALA C 188 26.72 6.30 -7.89
CA ALA C 188 27.44 6.72 -6.69
C ALA C 188 28.94 6.49 -6.85
N ALA C 189 29.31 5.42 -7.59
CA ALA C 189 30.66 4.92 -7.59
C ALA C 189 31.52 5.58 -8.68
N CYS C 190 30.87 6.16 -9.70
CA CYS C 190 31.59 6.51 -10.91
C CYS C 190 31.77 8.02 -11.03
N PRO C 191 33.02 8.53 -10.92
CA PRO C 191 33.29 9.97 -10.96
C PRO C 191 33.14 10.64 -12.32
N ASP C 192 33.17 9.84 -13.40
CA ASP C 192 32.98 10.31 -14.77
C ASP C 192 32.53 9.14 -15.66
N LEU C 193 32.17 9.46 -16.92
CA LEU C 193 31.61 8.49 -17.84
C LEU C 193 32.64 7.42 -18.22
N PRO C 194 33.94 7.73 -18.43
CA PRO C 194 34.96 6.69 -18.66
C PRO C 194 34.85 5.60 -17.60
N THR C 195 34.77 6.02 -16.33
CA THR C 195 34.73 5.11 -15.19
C THR C 195 33.41 4.34 -15.15
N TYR C 196 32.30 5.00 -15.51
CA TYR C 196 31.02 4.30 -15.54
C TYR C 196 31.07 3.17 -16.56
N CYS C 197 31.60 3.50 -17.74
CA CYS C 197 31.74 2.56 -18.84
C CYS C 197 32.77 1.48 -18.47
N ARG C 198 33.72 1.84 -17.61
CA ARG C 198 34.82 0.97 -17.22
C ARG C 198 34.30 -0.09 -16.24
N ALA C 199 33.55 0.36 -15.23
CA ALA C 199 32.99 -0.51 -14.21
C ALA C 199 31.99 -1.46 -14.83
N LEU C 200 31.41 -1.04 -15.98
CA LEU C 200 30.51 -1.89 -16.74
C LEU C 200 31.27 -3.07 -17.33
N ARG C 201 32.55 -2.85 -17.67
CA ARG C 201 33.40 -3.92 -18.18
C ARG C 201 33.80 -4.84 -17.03
N ASN C 202 34.31 -4.23 -15.95
CA ASN C 202 34.78 -4.98 -14.80
C ASN C 202 33.72 -5.97 -14.32
N LEU C 203 32.46 -5.51 -14.28
CA LEU C 203 31.35 -6.33 -13.81
C LEU C 203 31.15 -7.49 -14.77
N GLY C 204 31.37 -7.21 -16.06
CA GLY C 204 31.25 -8.20 -17.10
C GLY C 204 32.18 -9.39 -16.86
N SER C 205 33.31 -9.12 -16.20
CA SER C 205 34.27 -10.15 -15.88
C SER C 205 33.68 -11.17 -14.91
N LEU C 206 32.62 -10.79 -14.16
CA LEU C 206 32.00 -11.74 -13.24
C LEU C 206 30.93 -12.55 -13.96
N LEU C 207 30.72 -12.30 -15.26
CA LEU C 207 29.53 -12.78 -15.96
C LEU C 207 29.87 -13.83 -17.01
N LYS C 208 29.13 -14.94 -16.97
CA LYS C 208 29.07 -15.89 -18.06
C LYS C 208 28.78 -15.14 -19.36
N PRO C 209 29.33 -15.59 -20.51
CA PRO C 209 28.87 -15.09 -21.81
C PRO C 209 27.38 -15.37 -21.93
N GLY C 210 26.64 -14.37 -22.42
CA GLY C 210 25.19 -14.43 -22.55
C GLY C 210 24.48 -14.13 -21.23
N GLY C 211 25.27 -13.76 -20.22
CA GLY C 211 24.77 -13.55 -18.86
C GLY C 211 24.06 -12.20 -18.72
N PHE C 212 23.12 -12.15 -17.77
CA PHE C 212 22.30 -10.98 -17.51
C PHE C 212 23.04 -9.97 -16.62
N LEU C 213 22.92 -8.69 -16.98
CA LEU C 213 23.32 -7.57 -16.15
C LEU C 213 22.10 -6.72 -15.85
N VAL C 214 21.70 -6.65 -14.57
CA VAL C 214 20.49 -5.97 -14.15
C VAL C 214 20.89 -4.72 -13.39
N ILE C 215 20.52 -3.53 -13.91
CA ILE C 215 20.95 -2.27 -13.32
C ILE C 215 19.76 -1.32 -13.15
N MET C 216 19.62 -0.78 -11.93
CA MET C 216 18.65 0.26 -11.61
C MET C 216 19.40 1.41 -10.93
N ASP C 217 19.28 2.64 -11.48
CA ASP C 217 20.00 3.78 -10.94
C ASP C 217 19.27 5.07 -11.29
N ALA C 218 19.85 6.20 -10.85
CA ALA C 218 19.23 7.52 -10.95
C ALA C 218 19.52 8.17 -12.30
N LEU C 219 18.54 8.93 -12.77
CA LEU C 219 18.66 9.69 -14.01
C LEU C 219 18.82 11.16 -13.64
N LYS C 220 19.87 11.77 -14.21
CA LYS C 220 20.16 13.19 -14.10
C LYS C 220 20.12 13.65 -12.64
N SER C 221 21.04 13.09 -11.84
CA SER C 221 21.15 13.36 -10.41
C SER C 221 22.62 13.60 -10.07
N SER C 222 22.90 14.75 -9.44
CA SER C 222 24.28 15.17 -9.20
C SER C 222 24.68 14.92 -7.74
N TYR C 223 23.68 14.78 -6.86
CA TYR C 223 23.96 14.52 -5.46
C TYR C 223 22.82 13.68 -4.87
N TYR C 224 23.06 13.13 -3.67
CA TYR C 224 22.01 12.51 -2.87
C TYR C 224 22.38 12.60 -1.39
N MET C 225 21.36 12.65 -0.54
CA MET C 225 21.56 13.00 0.85
C MET C 225 21.18 11.81 1.72
N ILE C 226 21.98 11.58 2.76
CA ILE C 226 21.61 10.72 3.88
C ILE C 226 21.52 11.62 5.11
N GLY C 227 20.27 11.93 5.48
CA GLY C 227 20.01 12.93 6.51
C GLY C 227 20.66 14.25 6.13
N GLU C 228 21.88 14.49 6.64
CA GLU C 228 22.57 15.74 6.36
C GLU C 228 23.90 15.47 5.65
N GLN C 229 24.23 14.18 5.49
CA GLN C 229 25.40 13.79 4.72
C GLN C 229 25.10 13.87 3.22
N LYS C 230 26.00 14.53 2.47
CA LYS C 230 25.82 14.73 1.05
C LYS C 230 26.78 13.84 0.28
N PHE C 231 26.24 13.09 -0.70
CA PHE C 231 27.06 12.20 -1.52
C PHE C 231 26.92 12.59 -2.98
N SER C 232 27.97 12.28 -3.75
CA SER C 232 28.05 12.59 -5.17
C SER C 232 27.33 11.52 -5.99
N SER C 233 26.72 11.98 -7.09
CA SER C 233 26.12 11.12 -8.08
C SER C 233 26.51 11.62 -9.48
N LEU C 234 26.83 10.68 -10.37
CA LEU C 234 27.14 11.02 -11.76
C LEU C 234 25.84 11.37 -12.47
N PRO C 235 25.71 12.61 -13.01
CA PRO C 235 24.48 13.02 -13.68
C PRO C 235 24.54 12.60 -15.14
N LEU C 236 23.79 11.53 -15.45
CA LEU C 236 23.73 11.03 -16.82
C LEU C 236 22.33 10.48 -17.10
N GLY C 237 21.96 10.49 -18.39
CA GLY C 237 20.60 10.23 -18.83
C GLY C 237 20.48 8.93 -19.64
N ARG C 238 19.27 8.66 -20.12
CA ARG C 238 18.93 7.40 -20.77
C ARG C 238 19.83 7.12 -21.98
N GLU C 239 20.14 8.15 -22.77
CA GLU C 239 20.96 7.96 -23.95
C GLU C 239 22.41 7.70 -23.56
N ALA C 240 22.89 8.38 -22.51
CA ALA C 240 24.29 8.26 -22.07
C ALA C 240 24.52 6.92 -21.38
N VAL C 241 23.52 6.45 -20.62
CA VAL C 241 23.56 5.16 -19.93
C VAL C 241 23.59 4.05 -20.97
N GLU C 242 22.55 4.03 -21.82
CA GLU C 242 22.40 3.05 -22.88
C GLU C 242 23.68 3.01 -23.73
N ALA C 243 24.31 4.18 -23.91
CA ALA C 243 25.55 4.33 -24.68
C ALA C 243 26.67 3.53 -24.02
N ALA C 244 26.91 3.80 -22.73
CA ALA C 244 28.00 3.19 -21.99
C ALA C 244 27.83 1.68 -21.94
N VAL C 245 26.58 1.22 -21.89
CA VAL C 245 26.26 -0.20 -21.69
C VAL C 245 26.51 -0.95 -22.99
N LYS C 246 26.20 -0.33 -24.13
CA LYS C 246 26.50 -0.88 -25.45
C LYS C 246 28.01 -1.00 -25.61
N GLU C 247 28.71 0.10 -25.37
CA GLU C 247 30.14 0.22 -25.60
C GLU C 247 30.92 -0.75 -24.72
N ALA C 248 30.28 -1.24 -23.65
CA ALA C 248 30.94 -2.06 -22.65
C ALA C 248 30.75 -3.54 -22.94
N GLY C 249 30.02 -3.85 -24.01
CA GLY C 249 29.96 -5.19 -24.56
C GLY C 249 28.70 -5.97 -24.16
N TYR C 250 27.55 -5.29 -24.16
CA TYR C 250 26.27 -5.91 -23.86
C TYR C 250 25.22 -5.53 -24.91
N THR C 251 24.19 -6.37 -24.99
CA THR C 251 22.99 -6.08 -25.77
C THR C 251 21.88 -5.75 -24.79
N ILE C 252 21.21 -4.60 -25.00
CA ILE C 252 20.14 -4.13 -24.14
C ILE C 252 18.85 -4.89 -24.47
N GLU C 253 18.34 -5.63 -23.48
CA GLU C 253 17.14 -6.43 -23.61
C GLU C 253 15.91 -5.63 -23.16
N TRP C 254 16.09 -4.72 -22.19
CA TRP C 254 14.96 -3.92 -21.71
C TRP C 254 15.45 -2.70 -20.95
N PHE C 255 14.73 -1.59 -21.13
CA PHE C 255 15.06 -0.30 -20.53
C PHE C 255 13.78 0.39 -20.07
N GLU C 256 13.78 0.91 -18.85
CA GLU C 256 12.62 1.66 -18.36
C GLU C 256 13.03 3.01 -17.79
N VAL C 257 12.07 3.95 -17.79
CA VAL C 257 12.19 5.24 -17.13
C VAL C 257 11.03 5.36 -16.14
N ILE C 258 11.30 6.06 -15.03
CA ILE C 258 10.28 6.38 -14.04
C ILE C 258 10.30 7.89 -13.78
N SER C 259 9.14 8.54 -13.98
CA SER C 259 9.01 9.98 -13.83
C SER C 259 9.33 10.40 -12.40
N GLN C 260 8.94 9.54 -11.45
CA GLN C 260 9.06 9.74 -10.02
C GLN C 260 10.49 10.13 -9.62
N SER C 261 10.60 11.09 -8.69
CA SER C 261 11.88 11.51 -8.15
C SER C 261 11.83 11.53 -6.63
N TYR C 262 13.02 11.38 -6.00
CA TYR C 262 13.13 11.40 -4.56
C TYR C 262 12.60 12.74 -4.03
N SER C 263 12.58 12.87 -2.71
CA SER C 263 12.17 14.12 -2.09
C SER C 263 13.22 15.18 -2.37
N SER C 264 12.76 16.40 -2.72
CA SER C 264 13.61 17.53 -3.06
C SER C 264 14.70 17.74 -2.01
N THR C 265 14.41 17.31 -0.78
CA THR C 265 15.31 17.50 0.34
C THR C 265 16.43 16.47 0.34
N MET C 266 16.50 15.61 -0.69
CA MET C 266 17.30 14.39 -0.60
C MET C 266 18.08 14.08 -1.88
N ALA C 267 17.56 14.44 -3.05
CA ALA C 267 18.30 14.27 -4.30
C ALA C 267 17.67 15.14 -5.40
N ASN C 268 18.52 15.58 -6.33
CA ASN C 268 18.08 16.36 -7.49
C ASN C 268 17.96 15.45 -8.71
N ASN C 269 17.37 14.26 -8.48
CA ASN C 269 17.16 13.27 -9.53
C ASN C 269 15.89 13.64 -10.31
N GLU C 270 15.94 13.41 -11.63
CA GLU C 270 14.79 13.61 -12.50
C GLU C 270 13.93 12.36 -12.49
N GLY C 271 14.60 11.20 -12.57
CA GLY C 271 13.92 9.92 -12.48
C GLY C 271 14.89 8.78 -12.20
N LEU C 272 14.43 7.56 -12.48
CA LEU C 272 15.20 6.34 -12.27
C LEU C 272 14.99 5.42 -13.47
N PHE C 273 16.08 4.78 -13.91
CA PHE C 273 16.05 3.84 -15.03
C PHE C 273 16.31 2.43 -14.51
N SER C 274 15.65 1.45 -15.11
CA SER C 274 15.93 0.04 -14.94
C SER C 274 16.39 -0.50 -16.28
N LEU C 275 17.29 -1.49 -16.28
CA LEU C 275 17.56 -2.20 -17.51
C LEU C 275 18.10 -3.60 -17.25
N VAL C 276 17.88 -4.47 -18.24
CA VAL C 276 18.50 -5.78 -18.34
C VAL C 276 19.33 -5.76 -19.61
N ALA C 277 20.63 -6.07 -19.48
CA ALA C 277 21.53 -6.13 -20.63
C ALA C 277 22.32 -7.44 -20.60
N ARG C 278 22.51 -8.06 -21.78
CA ARG C 278 23.14 -9.36 -21.85
C ARG C 278 24.55 -9.27 -22.44
N LYS C 279 25.45 -10.08 -21.88
CA LYS C 279 26.83 -10.19 -22.33
C LYS C 279 26.89 -11.03 -23.61
N LEU C 280 27.55 -10.49 -24.64
CA LEU C 280 27.51 -11.11 -25.95
C LEU C 280 28.78 -11.95 -26.18
N PHE D 25 7.07 -3.89 -52.30
CA PHE D 25 6.34 -3.81 -50.99
C PHE D 25 4.84 -3.86 -51.27
N THR D 26 4.15 -4.72 -50.52
CA THR D 26 2.70 -4.87 -50.56
C THR D 26 2.03 -3.50 -50.46
N SER D 27 1.16 -3.19 -51.42
CA SER D 27 0.32 -2.01 -51.30
C SER D 27 -0.87 -2.33 -50.41
N LYS D 28 -1.54 -1.28 -49.91
CA LYS D 28 -2.58 -1.46 -48.91
C LYS D 28 -3.78 -2.22 -49.49
N ASP D 29 -3.96 -2.18 -50.81
CA ASP D 29 -5.16 -2.77 -51.38
C ASP D 29 -5.03 -4.29 -51.49
N THR D 30 -3.82 -4.82 -51.29
CA THR D 30 -3.62 -6.26 -51.23
C THR D 30 -4.09 -6.82 -49.89
N TYR D 31 -4.19 -5.94 -48.88
CA TYR D 31 -4.75 -6.30 -47.59
C TYR D 31 -6.27 -6.38 -47.73
N LEU D 32 -6.83 -5.53 -48.60
CA LEU D 32 -8.22 -5.63 -48.99
C LEU D 32 -8.45 -6.91 -49.77
N SER D 33 -7.45 -7.31 -50.58
CA SER D 33 -7.61 -8.28 -51.65
C SER D 33 -7.28 -9.70 -51.21
N HIS D 34 -6.19 -9.87 -50.43
CA HIS D 34 -5.59 -11.18 -50.26
C HIS D 34 -5.38 -11.53 -48.79
N PHE D 35 -5.73 -10.62 -47.87
CA PHE D 35 -5.60 -10.92 -46.45
C PHE D 35 -6.85 -11.67 -45.98
N ASN D 36 -6.68 -12.98 -45.78
CA ASN D 36 -7.74 -13.87 -45.35
C ASN D 36 -7.82 -13.84 -43.82
N PRO D 37 -8.85 -13.17 -43.25
CA PRO D 37 -8.99 -13.06 -41.80
C PRO D 37 -8.92 -14.40 -41.06
N ARG D 38 -9.33 -15.47 -41.76
CA ARG D 38 -9.47 -16.78 -41.17
C ARG D 38 -8.12 -17.49 -41.11
N ASP D 39 -7.39 -17.47 -42.23
CA ASP D 39 -6.08 -18.08 -42.29
C ASP D 39 -5.19 -17.45 -41.22
N TYR D 40 -5.09 -16.11 -41.26
CA TYR D 40 -4.29 -15.34 -40.33
C TYR D 40 -4.58 -15.79 -38.90
N LEU D 41 -5.87 -15.81 -38.54
CA LEU D 41 -6.30 -16.20 -37.21
C LEU D 41 -5.90 -17.65 -36.93
N GLU D 42 -5.99 -18.49 -37.96
CA GLU D 42 -5.69 -19.92 -37.82
C GLU D 42 -4.18 -20.13 -37.67
N LYS D 43 -3.39 -19.39 -38.47
CA LYS D 43 -1.97 -19.64 -38.58
C LYS D 43 -1.23 -19.22 -37.32
N TYR D 44 -1.68 -18.13 -36.70
CA TYR D 44 -0.86 -17.43 -35.71
C TYR D 44 -1.50 -17.43 -34.33
N TYR D 45 -2.82 -17.59 -34.27
CA TYR D 45 -3.55 -17.19 -33.08
C TYR D 45 -4.39 -18.32 -32.48
N LYS D 46 -4.02 -19.58 -32.76
CA LYS D 46 -4.57 -20.73 -32.07
C LYS D 46 -3.64 -21.11 -30.92
N PHE D 47 -4.22 -21.37 -29.76
CA PHE D 47 -3.41 -21.48 -28.56
C PHE D 47 -3.49 -22.90 -28.01
N GLY D 48 -3.13 -23.88 -28.86
CA GLY D 48 -3.44 -25.28 -28.61
C GLY D 48 -2.25 -26.07 -28.08
N SER D 49 -2.33 -27.41 -28.25
CA SER D 49 -1.33 -28.36 -27.79
C SER D 49 0.03 -28.06 -28.42
N ARG D 50 0.02 -27.48 -29.63
CA ARG D 50 1.20 -26.91 -30.24
C ARG D 50 1.91 -26.02 -29.22
N HIS D 51 3.09 -26.49 -28.76
CA HIS D 51 4.08 -25.64 -28.13
C HIS D 51 5.05 -25.15 -29.22
N SER D 52 4.56 -24.23 -30.07
CA SER D 52 5.30 -23.79 -31.25
C SER D 52 5.79 -22.35 -31.08
N ALA D 53 6.51 -21.86 -32.11
CA ALA D 53 7.13 -20.55 -32.10
C ALA D 53 6.07 -19.45 -32.07
N GLU D 54 4.92 -19.72 -32.71
CA GLU D 54 3.78 -18.82 -32.71
C GLU D 54 3.22 -18.68 -31.30
N SER D 55 2.84 -19.81 -30.70
CA SER D 55 2.34 -19.83 -29.33
C SER D 55 3.35 -19.21 -28.36
N GLN D 56 4.66 -19.45 -28.60
CA GLN D 56 5.68 -18.87 -27.78
C GLN D 56 5.58 -17.34 -27.81
N ILE D 57 5.42 -16.77 -29.02
CA ILE D 57 5.43 -15.32 -29.20
C ILE D 57 4.14 -14.71 -28.63
N LEU D 58 3.01 -15.35 -28.93
CA LEU D 58 1.71 -14.94 -28.41
C LEU D 58 1.76 -14.86 -26.88
N LYS D 59 2.35 -15.88 -26.25
CA LYS D 59 2.54 -15.93 -24.80
C LYS D 59 3.29 -14.68 -24.31
N HIS D 60 4.39 -14.33 -25.00
CA HIS D 60 5.27 -13.25 -24.57
C HIS D 60 4.60 -11.90 -24.75
N LEU D 61 3.78 -11.79 -25.80
CA LEU D 61 3.02 -10.58 -26.10
C LEU D 61 2.01 -10.33 -24.99
N LEU D 62 1.22 -11.36 -24.66
CA LEU D 62 0.20 -11.31 -23.62
C LEU D 62 0.80 -10.88 -22.28
N LYS D 63 1.98 -11.42 -21.95
CA LYS D 63 2.72 -11.06 -20.75
C LYS D 63 3.08 -9.58 -20.80
N ASN D 64 3.60 -9.12 -21.95
CA ASN D 64 4.00 -7.73 -22.16
C ASN D 64 2.80 -6.80 -21.91
N LEU D 65 1.72 -7.03 -22.66
CA LEU D 65 0.52 -6.22 -22.55
C LEU D 65 0.05 -6.19 -21.10
N PHE D 66 0.15 -7.34 -20.42
CA PHE D 66 -0.28 -7.47 -19.04
C PHE D 66 0.58 -6.60 -18.14
N LYS D 67 1.88 -6.52 -18.45
CA LYS D 67 2.81 -5.72 -17.67
C LYS D 67 2.48 -4.24 -17.83
N ILE D 68 2.02 -3.85 -19.03
CA ILE D 68 1.84 -2.44 -19.34
C ILE D 68 0.50 -1.93 -18.80
N PHE D 69 -0.57 -2.68 -19.03
CA PHE D 69 -1.89 -2.18 -18.66
C PHE D 69 -2.16 -2.40 -17.17
N CYS D 70 -1.68 -3.52 -16.63
CA CYS D 70 -2.03 -3.96 -15.29
C CYS D 70 -0.94 -3.67 -14.27
N LEU D 71 0.30 -4.06 -14.55
CA LEU D 71 1.34 -3.82 -13.56
C LEU D 71 1.71 -2.33 -13.54
N ASP D 72 2.05 -1.77 -14.72
CA ASP D 72 2.49 -0.39 -14.84
C ASP D 72 1.32 0.58 -14.58
N GLY D 73 1.59 1.88 -14.75
CA GLY D 73 0.56 2.88 -14.54
C GLY D 73 -0.02 3.43 -15.85
N VAL D 74 -0.56 2.54 -16.70
CA VAL D 74 -1.12 2.93 -17.99
C VAL D 74 -2.63 2.69 -18.00
N LYS D 75 -3.38 3.69 -17.51
CA LYS D 75 -4.83 3.72 -17.59
C LYS D 75 -5.28 4.95 -18.38
N GLY D 76 -6.59 5.12 -18.50
CA GLY D 76 -7.20 6.27 -19.14
C GLY D 76 -8.66 5.97 -19.48
N ASP D 77 -9.27 6.87 -20.27
CA ASP D 77 -10.65 6.69 -20.67
C ASP D 77 -10.72 5.94 -21.99
N LEU D 78 -9.96 6.41 -22.98
CA LEU D 78 -10.07 5.88 -24.32
C LEU D 78 -8.75 5.29 -24.81
N LEU D 79 -8.86 4.09 -25.38
CA LEU D 79 -7.81 3.46 -26.16
C LEU D 79 -8.31 3.22 -27.59
N ILE D 80 -7.61 3.85 -28.55
CA ILE D 80 -7.75 3.56 -29.97
C ILE D 80 -6.76 2.45 -30.29
N ASP D 81 -7.25 1.39 -30.95
CA ASP D 81 -6.44 0.27 -31.39
C ASP D 81 -6.24 0.36 -32.91
N ILE D 82 -4.98 0.44 -33.32
CA ILE D 82 -4.62 0.74 -34.70
C ILE D 82 -4.16 -0.55 -35.37
N GLY D 83 -4.81 -0.89 -36.50
CA GLY D 83 -4.50 -2.09 -37.26
C GLY D 83 -4.82 -3.37 -36.52
N SER D 84 -5.96 -3.35 -35.79
CA SER D 84 -6.44 -4.43 -34.95
C SER D 84 -6.37 -5.78 -35.67
N GLY D 85 -6.54 -5.71 -36.99
CA GLY D 85 -6.82 -6.90 -37.80
C GLY D 85 -8.14 -7.52 -37.36
N PRO D 86 -8.24 -8.87 -37.36
CA PRO D 86 -9.43 -9.55 -36.86
C PRO D 86 -9.21 -10.10 -35.45
N THR D 87 -8.14 -9.65 -34.79
CA THR D 87 -7.71 -10.23 -33.54
C THR D 87 -8.15 -9.37 -32.36
N ILE D 88 -8.26 -9.99 -31.18
CA ILE D 88 -8.72 -9.29 -30.01
C ILE D 88 -7.71 -9.42 -28.86
N TYR D 89 -6.72 -10.32 -29.00
CA TYR D 89 -5.83 -10.68 -27.91
C TYR D 89 -5.23 -9.45 -27.21
N GLN D 90 -4.96 -8.39 -27.98
CA GLN D 90 -4.13 -7.28 -27.53
C GLN D 90 -4.94 -6.39 -26.61
N LEU D 91 -6.23 -6.72 -26.47
CA LEU D 91 -7.14 -5.81 -25.80
C LEU D 91 -7.59 -6.41 -24.46
N LEU D 92 -7.20 -7.66 -24.21
CA LEU D 92 -7.71 -8.38 -23.05
C LEU D 92 -7.23 -7.74 -21.74
N SER D 93 -5.99 -7.25 -21.71
CA SER D 93 -5.51 -6.60 -20.51
C SER D 93 -5.84 -5.10 -20.53
N ALA D 94 -5.83 -4.51 -21.73
CA ALA D 94 -6.13 -3.08 -21.90
C ALA D 94 -7.53 -2.75 -21.35
N CYS D 95 -8.47 -3.68 -21.48
CA CYS D 95 -9.84 -3.44 -21.08
C CYS D 95 -9.99 -3.42 -19.56
N GLU D 96 -8.88 -3.48 -18.83
CA GLU D 96 -8.93 -3.36 -17.38
C GLU D 96 -8.61 -1.92 -16.99
N SER D 97 -7.86 -1.23 -17.85
CA SER D 97 -7.32 0.08 -17.53
C SER D 97 -8.03 1.17 -18.33
N PHE D 98 -8.92 0.78 -19.24
CA PHE D 98 -9.59 1.76 -20.09
C PHE D 98 -11.09 1.49 -20.11
N LYS D 99 -11.86 2.58 -19.99
CA LYS D 99 -13.32 2.51 -19.99
C LYS D 99 -13.77 2.14 -21.41
N GLU D 100 -13.15 2.78 -22.40
CA GLU D 100 -13.61 2.72 -23.78
C GLU D 100 -12.45 2.34 -24.70
N ILE D 101 -12.76 1.50 -25.68
CA ILE D 101 -11.81 1.03 -26.67
C ILE D 101 -12.46 1.09 -28.04
N VAL D 102 -11.77 1.76 -28.97
CA VAL D 102 -12.14 1.76 -30.37
C VAL D 102 -11.16 0.85 -31.13
N VAL D 103 -11.70 -0.05 -31.95
CA VAL D 103 -10.89 -0.93 -32.79
C VAL D 103 -10.89 -0.40 -34.22
N THR D 104 -9.70 -0.37 -34.86
CA THR D 104 -9.60 0.03 -36.25
C THR D 104 -8.71 -0.93 -37.05
N ASP D 105 -9.05 -1.12 -38.32
CA ASP D 105 -8.22 -1.75 -39.33
C ASP D 105 -8.55 -1.12 -40.69
N TYR D 106 -7.69 -1.34 -41.67
CA TYR D 106 -7.86 -0.78 -43.00
C TYR D 106 -8.82 -1.63 -43.81
N SER D 107 -8.81 -2.94 -43.52
CA SER D 107 -9.66 -3.90 -44.21
C SER D 107 -11.00 -4.04 -43.48
N ASP D 108 -12.08 -3.85 -44.24
CA ASP D 108 -13.43 -3.98 -43.73
C ASP D 108 -13.63 -5.44 -43.29
N GLN D 109 -13.01 -6.36 -44.02
CA GLN D 109 -13.09 -7.79 -43.78
C GLN D 109 -12.61 -8.11 -42.36
N ASN D 110 -11.49 -7.50 -41.95
CA ASN D 110 -10.92 -7.76 -40.64
C ASN D 110 -11.89 -7.35 -39.54
N LEU D 111 -12.48 -6.18 -39.69
CA LEU D 111 -13.45 -5.62 -38.75
C LEU D 111 -14.69 -6.51 -38.70
N GLN D 112 -15.02 -7.12 -39.86
CA GLN D 112 -16.11 -8.07 -39.98
C GLN D 112 -15.93 -9.22 -38.98
N GLU D 113 -14.75 -9.85 -39.02
CA GLU D 113 -14.38 -10.95 -38.14
C GLU D 113 -14.43 -10.50 -36.69
N LEU D 114 -13.85 -9.31 -36.42
CA LEU D 114 -13.91 -8.71 -35.11
C LEU D 114 -15.35 -8.75 -34.61
N GLU D 115 -16.24 -8.17 -35.42
CA GLU D 115 -17.63 -7.97 -35.04
C GLU D 115 -18.34 -9.30 -34.80
N LYS D 116 -17.98 -10.33 -35.59
CA LYS D 116 -18.58 -11.64 -35.39
C LYS D 116 -18.34 -12.09 -33.95
N TRP D 117 -17.09 -11.94 -33.50
CA TRP D 117 -16.69 -12.32 -32.15
C TRP D 117 -17.38 -11.41 -31.12
N LEU D 118 -17.35 -10.11 -31.37
CA LEU D 118 -17.95 -9.13 -30.49
C LEU D 118 -19.44 -9.44 -30.27
N LYS D 119 -20.07 -10.13 -31.22
CA LYS D 119 -21.50 -10.38 -31.16
C LYS D 119 -21.79 -11.79 -30.62
N ALA D 120 -20.73 -12.54 -30.32
CA ALA D 120 -20.85 -13.89 -29.80
C ALA D 120 -21.65 -14.77 -30.76
N ALA D 121 -21.43 -14.57 -32.07
CA ALA D 121 -21.93 -15.47 -33.10
C ALA D 121 -21.07 -16.73 -33.08
N PRO D 122 -21.65 -17.95 -33.22
CA PRO D 122 -20.85 -19.18 -33.13
C PRO D 122 -19.84 -19.37 -34.26
N ALA D 123 -19.93 -18.53 -35.31
CA ALA D 123 -19.00 -18.54 -36.43
C ALA D 123 -17.70 -17.82 -36.05
N ALA D 124 -17.71 -17.18 -34.88
CA ALA D 124 -16.56 -16.47 -34.34
C ALA D 124 -15.38 -17.42 -34.13
N PHE D 125 -14.18 -16.83 -34.09
CA PHE D 125 -12.96 -17.55 -33.77
C PHE D 125 -13.01 -17.95 -32.29
N ASP D 126 -12.30 -19.03 -31.92
CA ASP D 126 -12.22 -19.45 -30.52
C ASP D 126 -11.00 -18.82 -29.85
N TRP D 127 -11.26 -17.92 -28.91
CA TRP D 127 -10.19 -17.21 -28.22
C TRP D 127 -10.00 -17.79 -26.82
N SER D 128 -10.95 -18.64 -26.38
CA SER D 128 -11.03 -19.15 -25.01
C SER D 128 -9.64 -19.39 -24.42
N PRO D 129 -8.74 -20.16 -25.08
CA PRO D 129 -7.43 -20.46 -24.51
C PRO D 129 -6.61 -19.20 -24.19
N VAL D 130 -6.70 -18.21 -25.09
CA VAL D 130 -6.02 -16.92 -24.95
C VAL D 130 -6.67 -16.15 -23.80
N VAL D 131 -8.00 -16.16 -23.78
CA VAL D 131 -8.74 -15.54 -22.70
C VAL D 131 -8.36 -16.20 -21.36
N THR D 132 -8.33 -17.54 -21.33
CA THR D 132 -8.01 -18.25 -20.10
C THR D 132 -6.57 -17.98 -19.68
N TYR D 133 -5.69 -17.69 -20.65
CA TYR D 133 -4.29 -17.45 -20.34
C TYR D 133 -4.12 -16.11 -19.61
N VAL D 134 -4.92 -15.12 -19.99
CA VAL D 134 -4.76 -13.76 -19.49
C VAL D 134 -5.38 -13.66 -18.09
N CYS D 135 -6.55 -14.29 -17.90
CA CYS D 135 -7.20 -14.42 -16.61
C CYS D 135 -6.21 -14.98 -15.60
N ASP D 136 -5.46 -16.00 -16.05
CA ASP D 136 -4.33 -16.59 -15.36
C ASP D 136 -3.39 -15.49 -14.86
N LEU D 137 -2.75 -14.78 -15.80
CA LEU D 137 -1.76 -13.75 -15.48
C LEU D 137 -2.29 -12.78 -14.42
N GLU D 138 -3.53 -12.31 -14.63
CA GLU D 138 -4.15 -11.29 -13.79
C GLU D 138 -4.50 -11.87 -12.42
N GLY D 139 -4.13 -13.13 -12.20
CA GLY D 139 -4.26 -13.76 -10.89
C GLY D 139 -5.67 -14.29 -10.64
N ASN D 140 -6.42 -14.55 -11.72
CA ASN D 140 -7.74 -15.14 -11.63
C ASN D 140 -8.63 -14.32 -10.69
N ARG D 141 -8.85 -13.04 -11.04
CA ARG D 141 -9.84 -12.19 -10.39
C ARG D 141 -11.20 -12.43 -11.03
N VAL D 142 -11.16 -12.89 -12.28
CA VAL D 142 -12.31 -13.21 -13.13
C VAL D 142 -12.00 -14.50 -13.90
N LYS D 143 -13.04 -15.13 -14.46
CA LYS D 143 -12.90 -16.29 -15.35
C LYS D 143 -13.09 -15.83 -16.79
N GLY D 144 -13.21 -16.81 -17.70
CA GLY D 144 -13.28 -16.57 -19.13
C GLY D 144 -14.46 -15.71 -19.55
N PRO D 145 -15.72 -16.15 -19.26
CA PRO D 145 -16.92 -15.47 -19.77
C PRO D 145 -17.08 -14.05 -19.23
N GLU D 146 -16.60 -13.83 -18.00
CA GLU D 146 -16.72 -12.53 -17.36
C GLU D 146 -15.72 -11.54 -17.96
N LYS D 147 -14.51 -12.01 -18.26
CA LYS D 147 -13.49 -11.14 -18.84
C LYS D 147 -13.80 -10.87 -20.31
N GLU D 148 -14.30 -11.90 -21.00
CA GLU D 148 -14.81 -11.72 -22.36
C GLU D 148 -15.86 -10.60 -22.36
N GLU D 149 -16.80 -10.67 -21.41
CA GLU D 149 -17.91 -9.72 -21.38
C GLU D 149 -17.39 -8.32 -21.08
N LYS D 150 -16.30 -8.24 -20.30
CA LYS D 150 -15.69 -6.97 -19.93
C LYS D 150 -15.17 -6.26 -21.17
N LEU D 151 -14.43 -7.02 -22.00
CA LEU D 151 -13.91 -6.49 -23.24
C LEU D 151 -15.06 -6.13 -24.17
N ARG D 152 -16.03 -7.07 -24.29
CA ARG D 152 -17.16 -6.92 -25.20
C ARG D 152 -17.85 -5.58 -24.95
N GLN D 153 -17.81 -5.10 -23.71
CA GLN D 153 -18.45 -3.86 -23.33
C GLN D 153 -17.50 -2.67 -23.49
N ALA D 154 -16.20 -2.92 -23.40
CA ALA D 154 -15.22 -1.85 -23.56
C ALA D 154 -15.23 -1.34 -25.01
N VAL D 155 -15.68 -2.18 -25.93
CA VAL D 155 -15.57 -1.88 -27.36
C VAL D 155 -16.78 -1.04 -27.78
N LYS D 156 -16.52 0.19 -28.20
CA LYS D 156 -17.54 1.21 -28.39
C LYS D 156 -17.80 1.48 -29.87
N GLN D 157 -16.73 1.53 -30.67
CA GLN D 157 -16.84 1.77 -32.10
C GLN D 157 -15.88 0.84 -32.83
N VAL D 158 -16.20 0.57 -34.12
CA VAL D 158 -15.34 -0.19 -35.01
C VAL D 158 -15.21 0.60 -36.29
N LEU D 159 -13.98 0.97 -36.66
CA LEU D 159 -13.79 2.00 -37.66
C LEU D 159 -12.75 1.58 -38.71
N LYS D 160 -12.97 2.05 -39.94
CA LYS D 160 -12.00 2.01 -41.01
C LYS D 160 -10.88 3.00 -40.67
N CYS D 161 -9.64 2.58 -40.93
CA CYS D 161 -8.43 3.22 -40.44
C CYS D 161 -7.34 3.13 -41.51
N ASP D 162 -6.42 4.10 -41.53
CA ASP D 162 -5.31 4.10 -42.47
C ASP D 162 -4.16 4.97 -41.96
N VAL D 163 -3.07 4.30 -41.54
CA VAL D 163 -1.94 4.92 -40.86
C VAL D 163 -1.23 5.93 -41.77
N THR D 164 -1.42 5.82 -43.08
CA THR D 164 -0.66 6.64 -44.00
C THR D 164 -1.22 8.06 -44.11
N GLN D 165 -2.46 8.28 -43.65
CA GLN D 165 -3.16 9.54 -43.90
C GLN D 165 -3.06 10.47 -42.70
N SER D 166 -2.84 11.74 -42.98
CA SER D 166 -2.85 12.82 -42.00
C SER D 166 -3.86 12.52 -40.89
N GLN D 167 -5.06 12.08 -41.28
CA GLN D 167 -6.10 11.71 -40.34
C GLN D 167 -6.45 10.23 -40.56
N PRO D 168 -5.84 9.31 -39.78
CA PRO D 168 -6.01 7.87 -39.97
C PRO D 168 -7.46 7.40 -39.90
N LEU D 169 -8.30 8.13 -39.16
CA LEU D 169 -9.69 7.73 -39.05
C LEU D 169 -10.58 8.64 -39.92
N GLY D 170 -9.93 9.52 -40.68
CA GLY D 170 -10.59 10.37 -41.68
C GLY D 170 -11.25 11.59 -41.05
N ALA D 171 -12.59 11.65 -41.17
CA ALA D 171 -13.37 12.70 -40.56
C ALA D 171 -13.77 12.27 -39.15
N VAL D 172 -14.24 11.02 -39.04
CA VAL D 172 -14.96 10.52 -37.88
C VAL D 172 -14.39 11.16 -36.62
N PRO D 173 -15.16 12.08 -35.98
CA PRO D 173 -14.77 12.70 -34.71
C PRO D 173 -14.76 11.77 -33.50
N LEU D 174 -13.70 11.89 -32.69
CA LEU D 174 -13.51 11.15 -31.45
C LEU D 174 -12.81 12.06 -30.44
N PRO D 175 -12.97 11.85 -29.12
CA PRO D 175 -12.16 12.59 -28.14
C PRO D 175 -10.70 12.23 -28.41
N PRO D 176 -9.71 13.07 -28.00
CA PRO D 176 -8.32 12.61 -27.93
C PRO D 176 -8.19 11.44 -26.95
N ALA D 177 -7.42 10.42 -27.37
CA ALA D 177 -7.27 9.20 -26.60
C ALA D 177 -6.13 9.33 -25.60
N ASP D 178 -6.19 8.52 -24.54
CA ASP D 178 -5.18 8.52 -23.50
C ASP D 178 -4.08 7.55 -23.90
N CYS D 179 -4.41 6.68 -24.87
CA CYS D 179 -3.50 5.66 -25.37
C CYS D 179 -3.88 5.21 -26.78
N VAL D 180 -2.85 5.03 -27.64
CA VAL D 180 -2.99 4.36 -28.92
C VAL D 180 -2.20 3.05 -28.87
N LEU D 181 -2.85 1.94 -29.24
CA LEU D 181 -2.22 0.63 -29.26
C LEU D 181 -2.09 0.17 -30.72
N SER D 182 -0.98 -0.48 -31.04
CA SER D 182 -0.72 -0.97 -32.39
C SER D 182 0.17 -2.20 -32.34
N THR D 183 -0.41 -3.34 -32.70
CA THR D 183 0.27 -4.62 -32.57
C THR D 183 0.50 -5.19 -33.97
N LEU D 184 1.77 -5.15 -34.39
CA LEU D 184 2.23 -5.81 -35.59
C LEU D 184 1.52 -5.22 -36.82
N CYS D 185 1.38 -3.90 -36.83
CA CYS D 185 0.67 -3.25 -37.92
C CYS D 185 1.62 -2.36 -38.72
N LEU D 186 2.32 -1.45 -38.02
CA LEU D 186 3.16 -0.42 -38.61
C LEU D 186 4.19 -1.02 -39.57
N ASP D 187 4.83 -2.12 -39.15
CA ASP D 187 5.73 -2.90 -39.99
C ASP D 187 5.07 -3.25 -41.33
N ALA D 188 3.90 -3.89 -41.25
CA ALA D 188 3.16 -4.35 -42.41
C ALA D 188 2.71 -3.19 -43.30
N ALA D 189 2.60 -2.00 -42.72
CA ALA D 189 1.92 -0.90 -43.37
C ALA D 189 2.91 0.07 -44.02
N CYS D 190 4.06 0.29 -43.37
CA CYS D 190 4.96 1.34 -43.78
C CYS D 190 5.99 0.80 -44.78
N PRO D 191 6.01 1.31 -46.03
CA PRO D 191 6.92 0.81 -47.07
C PRO D 191 8.38 1.22 -46.91
N ASP D 192 8.63 2.25 -46.09
CA ASP D 192 9.99 2.69 -45.80
C ASP D 192 9.98 3.50 -44.50
N LEU D 193 11.17 3.79 -43.97
CA LEU D 193 11.39 4.47 -42.71
C LEU D 193 10.73 5.86 -42.70
N PRO D 194 10.83 6.68 -43.79
CA PRO D 194 10.10 7.94 -43.88
C PRO D 194 8.61 7.80 -43.55
N THR D 195 7.93 6.84 -44.19
CA THR D 195 6.50 6.66 -43.99
C THR D 195 6.21 6.19 -42.57
N TYR D 196 7.09 5.33 -42.04
CA TYR D 196 7.02 4.90 -40.65
C TYR D 196 6.96 6.10 -39.72
N CYS D 197 7.69 7.15 -40.09
CA CYS D 197 7.80 8.35 -39.28
C CYS D 197 6.56 9.25 -39.40
N ARG D 198 5.98 9.33 -40.62
CA ARG D 198 4.75 10.10 -40.78
C ARG D 198 3.63 9.43 -40.01
N ALA D 199 3.61 8.09 -40.05
CA ALA D 199 2.57 7.26 -39.46
C ALA D 199 2.58 7.40 -37.94
N LEU D 200 3.79 7.48 -37.37
CA LEU D 200 3.96 7.77 -35.95
C LEU D 200 3.39 9.15 -35.66
N ARG D 201 3.72 10.13 -36.52
CA ARG D 201 3.17 11.47 -36.44
C ARG D 201 1.64 11.39 -36.62
N ASN D 202 1.19 10.61 -37.60
CA ASN D 202 -0.23 10.43 -37.88
C ASN D 202 -0.94 9.91 -36.62
N LEU D 203 -0.47 8.79 -36.07
CA LEU D 203 -1.08 8.15 -34.91
C LEU D 203 -1.15 9.13 -33.73
N GLY D 204 -0.16 10.04 -33.68
CA GLY D 204 0.01 10.96 -32.57
C GLY D 204 -1.08 12.03 -32.52
N SER D 205 -1.70 12.29 -33.67
CA SER D 205 -2.74 13.29 -33.79
C SER D 205 -4.01 12.83 -33.10
N LEU D 206 -4.09 11.54 -32.77
CA LEU D 206 -5.24 10.99 -32.08
C LEU D 206 -4.99 10.98 -30.58
N LEU D 207 -3.83 11.50 -30.17
CA LEU D 207 -3.37 11.35 -28.80
C LEU D 207 -3.35 12.69 -28.07
N LYS D 208 -3.92 12.71 -26.87
CA LYS D 208 -3.72 13.76 -25.89
C LYS D 208 -2.24 14.08 -25.72
N PRO D 209 -1.88 15.37 -25.48
CA PRO D 209 -0.57 15.71 -24.93
C PRO D 209 -0.34 15.01 -23.59
N GLY D 210 0.71 14.18 -23.54
CA GLY D 210 1.04 13.35 -22.38
C GLY D 210 0.40 11.97 -22.46
N GLY D 211 -0.04 11.60 -23.67
CA GLY D 211 -0.75 10.35 -23.93
C GLY D 211 0.20 9.21 -24.34
N PHE D 212 -0.29 7.98 -24.14
CA PHE D 212 0.52 6.79 -24.32
C PHE D 212 0.39 6.24 -25.74
N LEU D 213 1.55 5.91 -26.32
CA LEU D 213 1.63 5.16 -27.56
C LEU D 213 2.30 3.81 -27.30
N VAL D 214 1.58 2.73 -27.59
CA VAL D 214 1.95 1.38 -27.20
C VAL D 214 2.08 0.54 -28.47
N ILE D 215 3.32 0.23 -28.85
CA ILE D 215 3.65 -0.41 -30.12
C ILE D 215 4.35 -1.74 -29.86
N MET D 216 3.88 -2.78 -30.56
CA MET D 216 4.48 -4.10 -30.50
C MET D 216 4.61 -4.65 -31.93
N ASP D 217 5.85 -4.81 -32.39
CA ASP D 217 6.10 -5.19 -33.76
C ASP D 217 7.40 -6.01 -33.83
N ALA D 218 7.76 -6.42 -35.05
CA ALA D 218 8.83 -7.37 -35.31
C ALA D 218 10.12 -6.64 -35.66
N LEU D 219 11.26 -7.29 -35.34
CA LEU D 219 12.59 -6.77 -35.58
C LEU D 219 13.25 -7.59 -36.68
N LYS D 220 13.95 -6.88 -37.58
CA LYS D 220 14.80 -7.46 -38.61
C LYS D 220 14.00 -8.49 -39.40
N SER D 221 12.97 -8.00 -40.11
CA SER D 221 12.02 -8.85 -40.82
C SER D 221 11.56 -8.15 -42.09
N SER D 222 11.45 -8.90 -43.20
CA SER D 222 11.11 -8.32 -44.49
C SER D 222 9.82 -8.91 -45.06
N TYR D 223 9.36 -10.04 -44.50
CA TYR D 223 8.11 -10.63 -44.96
C TYR D 223 7.46 -11.43 -43.83
N TYR D 224 6.17 -11.72 -44.00
CA TYR D 224 5.50 -12.73 -43.20
C TYR D 224 4.48 -13.47 -44.08
N MET D 225 4.23 -14.73 -43.73
CA MET D 225 3.39 -15.59 -44.56
C MET D 225 2.08 -15.86 -43.84
N ILE D 226 0.99 -15.80 -44.61
CA ILE D 226 -0.28 -16.40 -44.23
C ILE D 226 -0.59 -17.43 -45.30
N GLY D 227 -0.34 -18.71 -44.98
CA GLY D 227 -0.37 -19.77 -45.99
C GLY D 227 0.54 -19.43 -47.16
N GLU D 228 -0.01 -19.52 -48.38
CA GLU D 228 0.78 -19.32 -49.59
C GLU D 228 0.96 -17.83 -49.86
N GLN D 229 0.20 -16.99 -49.14
CA GLN D 229 0.24 -15.56 -49.34
C GLN D 229 1.37 -14.94 -48.51
N LYS D 230 2.35 -14.37 -49.24
CA LYS D 230 3.50 -13.67 -48.69
C LYS D 230 3.14 -12.19 -48.53
N PHE D 231 3.54 -11.61 -47.39
CA PHE D 231 3.30 -10.20 -47.13
C PHE D 231 4.61 -9.52 -46.76
N SER D 232 4.83 -8.31 -47.31
CA SER D 232 5.99 -7.50 -47.00
C SER D 232 5.93 -7.00 -45.57
N SER D 233 7.10 -6.50 -45.09
CA SER D 233 7.29 -5.94 -43.77
C SER D 233 8.61 -5.18 -43.75
N LEU D 234 8.58 -3.95 -43.21
CA LEU D 234 9.75 -3.09 -43.17
C LEU D 234 10.81 -3.69 -42.23
N PRO D 235 12.06 -3.92 -42.71
CA PRO D 235 13.10 -4.48 -41.85
C PRO D 235 13.77 -3.33 -41.13
N LEU D 236 13.40 -3.18 -39.85
CA LEU D 236 13.98 -2.16 -38.99
C LEU D 236 14.29 -2.78 -37.63
N GLY D 237 15.35 -2.27 -36.99
CA GLY D 237 15.89 -2.80 -35.75
C GLY D 237 15.69 -1.84 -34.58
N ARG D 238 16.15 -2.26 -33.40
CA ARG D 238 15.99 -1.55 -32.14
C ARG D 238 16.33 -0.06 -32.31
N GLU D 239 17.38 0.25 -33.07
CA GLU D 239 17.89 1.62 -33.15
C GLU D 239 17.08 2.49 -34.12
N ALA D 240 16.61 1.92 -35.23
CA ALA D 240 15.80 2.67 -36.17
C ALA D 240 14.43 2.97 -35.54
N VAL D 241 13.95 2.05 -34.68
CA VAL D 241 12.67 2.20 -34.02
C VAL D 241 12.76 3.32 -32.97
N GLU D 242 13.66 3.16 -32.01
CA GLU D 242 13.89 4.15 -30.96
C GLU D 242 13.90 5.55 -31.59
N ALA D 243 14.81 5.74 -32.56
CA ALA D 243 15.08 7.03 -33.17
C ALA D 243 13.82 7.57 -33.84
N ALA D 244 13.07 6.69 -34.50
CA ALA D 244 11.90 7.08 -35.27
C ALA D 244 10.84 7.68 -34.34
N VAL D 245 10.63 7.01 -33.20
CA VAL D 245 9.61 7.40 -32.23
C VAL D 245 9.97 8.75 -31.63
N LYS D 246 11.28 8.97 -31.43
CA LYS D 246 11.80 10.23 -30.91
C LYS D 246 11.49 11.36 -31.90
N GLU D 247 11.84 11.16 -33.18
CA GLU D 247 11.66 12.17 -34.22
C GLU D 247 10.19 12.56 -34.34
N ALA D 248 9.30 11.70 -33.86
CA ALA D 248 7.86 11.85 -34.05
C ALA D 248 7.25 12.70 -32.94
N GLY D 249 8.07 13.03 -31.92
CA GLY D 249 7.65 13.83 -30.80
C GLY D 249 7.12 13.01 -29.62
N TYR D 250 7.80 11.91 -29.28
CA TYR D 250 7.45 11.12 -28.11
C TYR D 250 8.70 10.86 -27.26
N THR D 251 8.48 10.79 -25.94
CA THR D 251 9.46 10.31 -24.98
C THR D 251 9.24 8.82 -24.74
N ILE D 252 10.29 8.02 -25.01
CA ILE D 252 10.27 6.58 -24.79
C ILE D 252 10.32 6.31 -23.28
N GLU D 253 9.42 5.45 -22.79
CA GLU D 253 9.30 5.14 -21.38
C GLU D 253 9.75 3.70 -21.09
N TRP D 254 9.65 2.81 -22.10
CA TRP D 254 9.85 1.39 -21.88
C TRP D 254 10.15 0.72 -23.23
N PHE D 255 11.19 -0.13 -23.26
CA PHE D 255 11.59 -0.86 -24.46
C PHE D 255 12.07 -2.26 -24.10
N GLU D 256 11.53 -3.28 -24.78
CA GLU D 256 11.88 -4.68 -24.54
C GLU D 256 12.16 -5.37 -25.87
N VAL D 257 12.96 -6.44 -25.82
CA VAL D 257 13.22 -7.32 -26.96
C VAL D 257 12.70 -8.72 -26.61
N ILE D 258 12.13 -9.39 -27.63
CA ILE D 258 11.67 -10.77 -27.51
C ILE D 258 12.63 -11.64 -28.31
N SER D 259 13.19 -12.67 -27.66
CA SER D 259 14.16 -13.57 -28.27
C SER D 259 13.56 -14.31 -29.47
N GLN D 260 12.38 -14.92 -29.27
CA GLN D 260 11.80 -15.88 -30.19
C GLN D 260 11.50 -15.26 -31.55
N SER D 261 11.75 -16.05 -32.60
CA SER D 261 11.26 -15.76 -33.93
C SER D 261 10.07 -16.65 -34.25
N TYR D 262 9.26 -16.23 -35.23
CA TYR D 262 8.20 -17.08 -35.74
C TYR D 262 8.85 -18.27 -36.46
N SER D 263 8.01 -19.20 -36.93
CA SER D 263 8.51 -20.35 -37.68
C SER D 263 9.22 -19.86 -38.93
N SER D 264 10.33 -20.52 -39.27
CA SER D 264 11.11 -20.23 -40.47
C SER D 264 10.19 -20.23 -41.69
N THR D 265 9.12 -21.03 -41.60
CA THR D 265 8.16 -21.21 -42.68
C THR D 265 7.26 -19.98 -42.82
N MET D 266 7.34 -19.04 -41.86
CA MET D 266 6.34 -17.99 -41.72
C MET D 266 6.94 -16.58 -41.80
N ALA D 267 8.06 -16.31 -41.12
CA ALA D 267 8.65 -14.98 -41.14
C ALA D 267 10.18 -15.06 -41.05
N ASN D 268 10.87 -14.03 -41.59
CA ASN D 268 12.32 -13.97 -41.48
C ASN D 268 12.74 -12.97 -40.40
N ASN D 269 12.00 -12.95 -39.29
CA ASN D 269 12.22 -11.97 -38.24
C ASN D 269 13.28 -12.49 -37.28
N GLU D 270 14.06 -11.57 -36.71
CA GLU D 270 15.07 -11.91 -35.71
C GLU D 270 14.49 -11.80 -34.30
N GLY D 271 13.30 -11.19 -34.19
CA GLY D 271 12.62 -11.08 -32.92
C GLY D 271 11.48 -10.05 -32.95
N LEU D 272 10.97 -9.70 -31.76
CA LEU D 272 9.93 -8.69 -31.62
C LEU D 272 10.37 -7.69 -30.55
N PHE D 273 9.75 -6.50 -30.58
CA PHE D 273 9.98 -5.50 -29.55
C PHE D 273 8.65 -5.01 -29.02
N SER D 274 8.70 -4.37 -27.85
CA SER D 274 7.59 -3.67 -27.24
C SER D 274 8.10 -2.32 -26.76
N LEU D 275 7.31 -1.26 -26.96
CA LEU D 275 7.61 0.00 -26.29
C LEU D 275 6.32 0.69 -25.86
N VAL D 276 6.45 1.42 -24.75
CA VAL D 276 5.53 2.49 -24.39
C VAL D 276 6.31 3.78 -24.56
N ALA D 277 5.80 4.64 -25.45
CA ALA D 277 6.27 6.02 -25.57
C ALA D 277 5.22 6.95 -24.95
N ARG D 278 5.59 8.23 -24.76
CA ARG D 278 4.66 9.24 -24.26
C ARG D 278 4.79 10.49 -25.13
N LYS D 279 3.63 11.00 -25.58
CA LYS D 279 3.58 12.16 -26.46
C LYS D 279 3.91 13.43 -25.65
N LEU D 280 4.72 14.30 -26.26
CA LEU D 280 5.37 15.38 -25.55
C LEU D 280 4.38 16.47 -25.12
N SER D 281 3.59 16.99 -26.07
CA SER D 281 2.70 18.13 -25.85
C SER D 281 3.50 19.44 -25.85
#